data_7UML
#
_entry.id   7UML
#
_cell.length_a   1.00
_cell.length_b   1.00
_cell.length_c   1.00
_cell.angle_alpha   90.00
_cell.angle_beta   90.00
_cell.angle_gamma   90.00
#
_symmetry.space_group_name_H-M   'P 1'
#
loop_
_entity.id
_entity.type
_entity.pdbx_description
1 polymer Nucleoprotein
2 polymer 'Matrix protein'
3 polymer "RNA (5'-R(P*UP*UP*UP*UP*UP*UP*UP*UP*UP*UP*UP*UP*U)-3')"
#
loop_
_entity_poly.entity_id
_entity_poly.type
_entity_poly.pdbx_seq_one_letter_code
_entity_poly.pdbx_strand_id
1 'polypeptide(L)'
;MSVTVKRIIDNTVIVPKLPANEDPVEYPADYFRKSKEIPLYINTTKSLSDLRGYVYQGLKSGNVSIIHVNSYLYGALKDI
RGKLDKDWSSFGINIGKAGDTIGIFDLVSLKALDGVLPDGVSDASRTSADDKWLPLYLLGLYRVGRTQMPEYRKKLMDGL
TNQCKMINEQFEPLVPEGRDIFDVWGNDSNYTKIVAAVDMFFHMFKKHECASFRYGTIVSRFKDCAALATFGHLCKITGM
STEDVTTWILNREVADEMVQMMLPGQEIDKADSYMPYLIDFGLSSKSPYSSVKNPAFHFWGQLTALLLRSTRARNARQPD
DIEYTSLTTAGLLYAYAVGSSADLAQQFCVGDNKYTPDDSTGGLTTNAPPQGRDVVEWLGWFEDQNRKPTPDMMQYAKRA
VMSLQGLREKTIGKYAKSEFDK
;
A,D,E
2 'polypeptide(L)'
;MSSLKKILGLKGKGKKSKKLGIAPPPYEEDTSMEYAPSAPIDKSYFGVDEMDTYDPNQLRYEKFFFTVKMTVRSNRPFRT
YSDVAAAVSHWDHMYIGMAGKRPFYKILAFLGSSNLKATPAVLADQGQPEYHAHCEGRAYLPHRMGKTPPMLNVPEHFRR
PFNIGLYKGTIELTMTIYDDESLEAAPMIWDHFNSSKFSDFREKALMFGLIVEKKASGAWVLDSISHFK
;
B,C,F
3 'polyribonucleotide' UUUUUUUUUUUUU R
#
loop_
_chem_comp.id
_chem_comp.type
_chem_comp.name
_chem_comp.formula
U RNA linking URIDINE-5'-MONOPHOSPHATE 'C9 H13 N2 O9 P'
#
# COMPACT_ATOMS: atom_id res chain seq x y z
N ALA A 20 -16.97 -6.20 32.39
CA ALA A 20 -15.63 -5.71 32.70
C ALA A 20 -15.18 -4.70 31.64
N ASN A 21 -15.27 -3.41 31.97
CA ASN A 21 -14.81 -2.38 31.04
C ASN A 21 -13.33 -2.52 30.73
N GLU A 22 -12.57 -3.16 31.62
CA GLU A 22 -11.19 -3.53 31.33
C GLU A 22 -11.19 -4.73 30.39
N ASP A 23 -10.00 -5.24 30.08
CA ASP A 23 -9.80 -6.34 29.16
C ASP A 23 -9.21 -7.54 29.88
N PRO A 24 -9.40 -8.76 29.36
CA PRO A 24 -8.79 -9.93 30.00
C PRO A 24 -7.28 -9.98 29.78
N VAL A 25 -6.64 -11.00 30.36
CA VAL A 25 -5.20 -11.19 30.24
C VAL A 25 -4.93 -12.51 29.52
N GLU A 26 -3.83 -12.55 28.78
CA GLU A 26 -3.43 -13.73 28.02
C GLU A 26 -1.94 -13.99 28.23
N TYR A 27 -1.55 -15.25 28.05
CA TYR A 27 -0.20 -15.70 28.36
C TYR A 27 0.41 -16.33 27.12
N PRO A 28 1.73 -16.22 26.93
CA PRO A 28 2.33 -16.82 25.72
C PRO A 28 2.15 -18.34 25.65
N ALA A 29 2.42 -19.05 26.74
CA ALA A 29 2.26 -20.51 26.71
C ALA A 29 0.85 -20.90 26.30
N ASP A 30 -0.15 -20.10 26.65
CA ASP A 30 -1.53 -20.39 26.28
C ASP A 30 -1.80 -20.17 24.79
N TYR A 31 -0.79 -19.83 24.00
CA TYR A 31 -0.93 -19.70 22.56
C TYR A 31 -0.45 -20.94 21.81
N PHE A 32 0.66 -21.53 22.25
CA PHE A 32 1.16 -22.76 21.63
C PHE A 32 0.42 -24.01 22.10
N ARG A 33 -0.46 -23.89 23.10
CA ARG A 33 -1.38 -24.99 23.41
C ARG A 33 -2.51 -25.10 22.38
N LYS A 34 -2.42 -24.32 21.31
CA LYS A 34 -3.32 -24.42 20.17
C LYS A 34 -2.54 -23.91 18.97
N SER A 35 -2.41 -24.75 17.95
CA SER A 35 -1.53 -24.47 16.82
C SER A 35 -0.08 -24.39 17.27
N LYS A 36 0.86 -24.77 16.39
CA LYS A 36 2.28 -24.73 16.70
C LYS A 36 3.07 -24.13 15.56
N GLU A 37 2.45 -23.23 14.79
CA GLU A 37 3.09 -22.58 13.65
C GLU A 37 2.67 -21.12 13.65
N ILE A 38 3.64 -20.21 13.71
CA ILE A 38 3.37 -18.78 13.74
C ILE A 38 3.17 -18.29 12.31
N PRO A 39 1.95 -18.04 11.86
CA PRO A 39 1.76 -17.66 10.46
C PRO A 39 2.37 -16.30 10.15
N LEU A 40 2.75 -16.14 8.88
CA LEU A 40 3.24 -14.85 8.38
C LEU A 40 2.85 -14.76 6.92
N TYR A 41 2.08 -13.73 6.57
CA TYR A 41 1.48 -13.63 5.25
C TYR A 41 2.21 -12.56 4.44
N ILE A 42 2.60 -12.91 3.23
CA ILE A 42 3.25 -11.97 2.33
C ILE A 42 2.85 -12.26 0.89
N ASN A 43 3.30 -11.40 -0.03
CA ASN A 43 3.16 -11.63 -1.46
C ASN A 43 4.54 -11.84 -2.07
N THR A 44 4.64 -12.80 -3.00
CA THR A 44 5.89 -13.08 -3.69
C THR A 44 5.69 -13.17 -5.20
N THR A 45 4.63 -12.55 -5.72
CA THR A 45 4.37 -12.62 -7.16
C THR A 45 5.38 -11.79 -7.95
N LYS A 46 5.73 -10.60 -7.44
CA LYS A 46 6.60 -9.68 -8.15
C LYS A 46 8.06 -9.96 -7.82
N SER A 47 8.93 -9.70 -8.80
CA SER A 47 10.34 -9.97 -8.64
C SER A 47 10.97 -8.99 -7.66
N LEU A 48 12.27 -9.16 -7.42
CA LEU A 48 12.98 -8.29 -6.49
C LEU A 48 13.20 -6.90 -7.06
N SER A 49 13.47 -6.80 -8.37
CA SER A 49 13.74 -5.50 -8.97
C SER A 49 12.50 -4.61 -8.96
N ASP A 50 11.33 -5.19 -9.20
CA ASP A 50 10.10 -4.41 -9.18
C ASP A 50 9.83 -3.86 -7.79
N LEU A 51 10.02 -4.69 -6.76
CA LEU A 51 9.82 -4.21 -5.39
C LEU A 51 10.87 -3.17 -5.02
N ARG A 52 12.11 -3.36 -5.47
CA ARG A 52 13.12 -2.33 -5.25
C ARG A 52 12.66 -1.00 -5.81
N GLY A 53 12.21 -0.99 -7.07
CA GLY A 53 11.69 0.23 -7.65
C GLY A 53 10.53 0.80 -6.86
N TYR A 54 9.56 -0.05 -6.52
CA TYR A 54 8.36 0.42 -5.83
C TYR A 54 8.72 1.10 -4.52
N VAL A 55 9.50 0.42 -3.67
CA VAL A 55 9.86 0.99 -2.37
C VAL A 55 10.70 2.24 -2.56
N TYR A 56 11.77 2.15 -3.34
CA TYR A 56 12.72 3.25 -3.45
C TYR A 56 12.05 4.50 -3.99
N GLN A 57 11.05 4.35 -4.88
CA GLN A 57 10.40 5.52 -5.43
C GLN A 57 9.24 6.00 -4.58
N GLY A 58 8.34 5.09 -4.18
CA GLY A 58 7.29 5.39 -3.23
C GLY A 58 7.76 6.19 -2.03
N LEU A 59 8.92 5.85 -1.46
CA LEU A 59 9.42 6.66 -0.35
C LEU A 59 9.85 8.05 -0.81
N LYS A 60 10.44 8.16 -1.99
CA LYS A 60 10.84 9.48 -2.47
C LYS A 60 9.63 10.39 -2.67
N SER A 61 8.59 9.86 -3.31
CA SER A 61 7.33 10.61 -3.40
C SER A 61 6.59 10.58 -2.07
N GLY A 62 6.64 9.45 -1.37
CA GLY A 62 6.05 9.33 -0.05
C GLY A 62 4.65 8.75 -0.08
N ASN A 63 4.39 7.81 -0.99
CA ASN A 63 3.10 7.13 -1.06
C ASN A 63 3.30 5.63 -1.25
N VAL A 64 4.25 5.04 -0.54
CA VAL A 64 4.48 3.60 -0.61
C VAL A 64 3.39 2.88 0.17
N SER A 65 3.06 1.67 -0.28
CA SER A 65 2.13 0.81 0.43
C SER A 65 2.89 -0.17 1.33
N ILE A 66 2.21 -0.63 2.38
CA ILE A 66 2.85 -1.52 3.35
C ILE A 66 3.22 -2.84 2.71
N ILE A 67 2.28 -3.43 1.95
CA ILE A 67 2.49 -4.78 1.41
C ILE A 67 3.80 -4.85 0.64
N HIS A 68 4.14 -3.79 -0.08
CA HIS A 68 5.37 -3.79 -0.86
C HIS A 68 6.58 -3.76 0.07
N VAL A 69 6.49 -3.06 1.20
CA VAL A 69 7.61 -3.02 2.13
C VAL A 69 7.79 -4.39 2.79
N ASN A 70 6.69 -5.04 3.16
CA ASN A 70 6.76 -6.39 3.71
C ASN A 70 7.44 -7.33 2.72
N SER A 71 6.95 -7.35 1.48
CA SER A 71 7.51 -8.27 0.49
C SER A 71 8.97 -7.94 0.19
N TYR A 72 9.33 -6.65 0.21
CA TYR A 72 10.73 -6.29 -0.02
C TYR A 72 11.63 -6.78 1.10
N LEU A 73 11.23 -6.57 2.36
CA LEU A 73 12.04 -7.07 3.46
C LEU A 73 12.14 -8.59 3.41
N TYR A 74 11.08 -9.27 2.98
CA TYR A 74 11.17 -10.71 2.80
C TYR A 74 12.19 -11.06 1.72
N GLY A 75 12.16 -10.36 0.59
CA GLY A 75 13.05 -10.68 -0.50
C GLY A 75 14.46 -10.22 -0.34
N ALA A 76 14.74 -9.40 0.68
CA ALA A 76 16.10 -8.98 0.98
C ALA A 76 16.72 -9.81 2.10
N LEU A 77 15.99 -10.03 3.18
CA LEU A 77 16.47 -10.83 4.31
C LEU A 77 16.12 -12.31 4.11
N LYS A 78 16.62 -12.86 3.01
CA LYS A 78 16.40 -14.27 2.69
C LYS A 78 17.68 -15.03 2.36
N ASP A 79 18.76 -14.36 1.97
CA ASP A 79 20.06 -15.01 1.79
C ASP A 79 20.96 -14.84 3.01
N ILE A 80 20.47 -14.20 4.08
CA ILE A 80 21.23 -14.09 5.31
C ILE A 80 21.04 -15.35 6.13
N ARG A 81 22.13 -15.82 6.74
CA ARG A 81 22.10 -17.05 7.53
C ARG A 81 23.29 -17.01 8.49
N GLY A 82 23.52 -18.13 9.16
CA GLY A 82 24.62 -18.21 10.11
C GLY A 82 24.80 -19.64 10.56
N LYS A 83 25.79 -19.84 11.43
CA LYS A 83 26.04 -21.14 12.03
C LYS A 83 25.16 -21.24 13.28
N LEU A 84 25.32 -22.32 14.05
CA LEU A 84 24.46 -22.55 15.20
C LEU A 84 25.21 -23.41 16.20
N ASP A 85 25.47 -22.85 17.38
CA ASP A 85 26.06 -23.57 18.50
C ASP A 85 25.01 -23.66 19.60
N LYS A 86 24.54 -24.89 19.86
CA LYS A 86 23.81 -25.32 21.06
C LYS A 86 22.46 -25.93 20.67
N ASP A 87 21.40 -25.64 21.42
CA ASP A 87 20.21 -26.49 21.44
C ASP A 87 18.93 -25.67 21.40
N TRP A 88 18.84 -24.66 20.54
CA TRP A 88 17.65 -23.82 20.46
C TRP A 88 16.37 -24.66 20.58
N SER A 89 15.49 -24.21 21.46
CA SER A 89 14.15 -24.73 21.59
C SER A 89 13.38 -23.80 22.52
N SER A 90 12.06 -23.76 22.35
CA SER A 90 11.26 -22.79 23.08
C SER A 90 9.78 -23.13 22.98
N PHE A 91 9.07 -23.03 24.10
CA PHE A 91 7.64 -23.30 24.17
C PHE A 91 7.29 -24.55 23.37
N GLY A 92 8.03 -25.63 23.62
CA GLY A 92 7.80 -26.87 22.93
C GLY A 92 8.07 -26.86 21.44
N ILE A 93 8.90 -25.94 20.96
CA ILE A 93 9.24 -25.85 19.54
C ILE A 93 10.74 -26.10 19.39
N ASN A 94 11.14 -26.38 18.16
CA ASN A 94 12.53 -26.63 17.81
C ASN A 94 12.92 -25.78 16.61
N ILE A 95 14.20 -25.39 16.56
CA ILE A 95 14.72 -24.60 15.46
C ILE A 95 16.08 -25.17 15.07
N GLY A 96 16.12 -25.93 13.98
CA GLY A 96 17.38 -26.50 13.53
C GLY A 96 18.00 -27.39 14.60
N LYS A 97 19.27 -27.72 14.36
CA LYS A 97 20.05 -28.53 15.27
C LYS A 97 21.52 -28.19 15.07
N ALA A 98 22.28 -28.22 16.16
CA ALA A 98 23.70 -27.89 16.14
C ALA A 98 24.40 -28.53 14.95
N GLY A 99 25.07 -27.70 14.14
CA GLY A 99 25.82 -28.18 13.01
C GLY A 99 25.06 -28.08 11.70
N ASP A 100 24.41 -26.94 11.46
CA ASP A 100 23.70 -26.70 10.21
C ASP A 100 23.62 -25.18 10.01
N THR A 101 22.82 -24.77 9.03
CA THR A 101 22.60 -23.35 8.74
C THR A 101 21.11 -23.05 8.77
N ILE A 102 20.79 -21.82 9.14
CA ILE A 102 19.41 -21.37 9.28
C ILE A 102 19.31 -19.94 8.76
N GLY A 103 18.08 -19.53 8.46
CA GLY A 103 17.78 -18.17 8.04
C GLY A 103 17.17 -17.34 9.16
N ILE A 104 16.56 -16.23 8.76
CA ILE A 104 15.86 -15.38 9.72
C ILE A 104 14.38 -15.70 9.74
N PHE A 105 13.82 -16.20 8.65
CA PHE A 105 12.42 -16.58 8.56
C PHE A 105 12.21 -18.07 8.76
N ASP A 106 13.22 -18.77 9.29
CA ASP A 106 13.06 -20.14 9.76
C ASP A 106 12.51 -20.19 11.18
N LEU A 107 12.13 -19.03 11.73
CA LEU A 107 11.56 -18.92 13.06
C LEU A 107 10.06 -18.79 13.05
N VAL A 108 9.48 -18.35 11.93
CA VAL A 108 8.04 -18.16 11.78
C VAL A 108 7.59 -18.88 10.52
N SER A 109 6.30 -19.24 10.50
CA SER A 109 5.72 -19.99 9.39
C SER A 109 5.20 -19.04 8.32
N LEU A 110 5.57 -19.31 7.08
CA LEU A 110 5.14 -18.52 5.94
C LEU A 110 3.90 -19.13 5.29
N LYS A 111 3.08 -18.28 4.69
CA LYS A 111 1.89 -18.70 3.97
C LYS A 111 1.66 -17.70 2.84
N ALA A 112 0.47 -17.76 2.24
CA ALA A 112 0.16 -16.96 1.05
C ALA A 112 -0.94 -15.96 1.38
N LEU A 113 -0.60 -14.67 1.31
CA LEU A 113 -1.59 -13.62 1.44
C LEU A 113 -2.47 -13.58 0.20
N ASP A 114 -3.74 -13.25 0.40
CA ASP A 114 -4.74 -13.27 -0.66
C ASP A 114 -5.44 -11.92 -0.75
N GLY A 115 -6.00 -11.65 -1.92
CA GLY A 115 -6.69 -10.41 -2.20
C GLY A 115 -5.92 -9.55 -3.20
N VAL A 116 -6.66 -8.64 -3.83
CA VAL A 116 -6.05 -7.76 -4.81
C VAL A 116 -4.97 -6.90 -4.15
N LEU A 117 -4.02 -6.45 -4.96
CA LEU A 117 -2.88 -5.69 -4.47
C LEU A 117 -2.79 -4.34 -5.16
N PRO A 118 -2.24 -3.33 -4.50
CA PRO A 118 -2.12 -2.00 -5.11
C PRO A 118 -0.98 -1.96 -6.14
N ASP A 119 -0.75 -0.78 -6.69
CA ASP A 119 0.28 -0.56 -7.69
C ASP A 119 1.38 0.33 -7.09
N GLY A 120 2.39 0.62 -7.91
CA GLY A 120 3.55 1.34 -7.44
C GLY A 120 4.15 2.21 -8.53
N VAL A 121 5.26 2.85 -8.18
CA VAL A 121 6.02 3.71 -9.09
C VAL A 121 7.34 2.98 -9.34
N SER A 122 7.50 2.44 -10.54
CA SER A 122 8.61 1.54 -10.81
C SER A 122 9.80 2.28 -11.41
N ASP A 123 10.99 1.76 -11.14
CA ASP A 123 12.23 2.26 -11.70
C ASP A 123 12.98 1.08 -12.32
N ALA A 124 13.74 1.36 -13.38
CA ALA A 124 14.53 0.33 -14.05
C ALA A 124 16.02 0.65 -13.98
N SER A 125 16.45 1.35 -12.93
CA SER A 125 17.87 1.54 -12.65
C SER A 125 18.03 1.62 -11.13
N ARG A 126 18.38 0.49 -10.51
CA ARG A 126 18.56 0.43 -9.06
C ARG A 126 19.68 -0.58 -8.79
N THR A 127 20.90 -0.07 -8.62
CA THR A 127 22.04 -0.93 -8.33
C THR A 127 21.77 -1.77 -7.08
N SER A 128 22.40 -2.94 -7.01
CA SER A 128 22.19 -3.85 -5.89
C SER A 128 22.70 -3.26 -4.58
N ALA A 129 23.80 -2.51 -4.63
CA ALA A 129 24.41 -1.98 -3.42
C ALA A 129 23.44 -1.16 -2.57
N ASP A 130 22.32 -0.73 -3.13
CA ASP A 130 21.31 0.02 -2.39
C ASP A 130 20.32 -0.89 -1.68
N ASP A 131 20.68 -2.16 -1.48
CA ASP A 131 19.97 -3.07 -0.59
C ASP A 131 20.69 -3.27 0.73
N LYS A 132 22.02 -3.10 0.74
CA LYS A 132 22.78 -3.24 1.96
C LYS A 132 22.18 -2.42 3.10
N TRP A 133 21.65 -1.24 2.79
CA TRP A 133 21.20 -0.31 3.82
C TRP A 133 19.71 -0.03 3.78
N LEU A 134 18.96 -0.57 2.81
CA LEU A 134 17.53 -0.25 2.74
C LEU A 134 16.75 -0.94 3.85
N PRO A 135 16.86 -2.26 4.05
CA PRO A 135 16.15 -2.85 5.20
C PRO A 135 16.48 -2.18 6.51
N LEU A 136 17.75 -1.78 6.70
CA LEU A 136 18.11 -1.00 7.86
C LEU A 136 17.29 0.29 7.91
N TYR A 137 17.14 0.96 6.76
CA TYR A 137 16.38 2.20 6.72
C TYR A 137 14.94 1.97 7.13
N LEU A 138 14.31 0.92 6.62
CA LEU A 138 12.89 0.70 6.90
C LEU A 138 12.67 0.29 8.34
N LEU A 139 13.56 -0.55 8.89
CA LEU A 139 13.47 -0.89 10.32
C LEU A 139 13.68 0.35 11.18
N GLY A 140 14.63 1.21 10.82
CA GLY A 140 14.82 2.44 11.55
C GLY A 140 13.60 3.35 11.49
N LEU A 141 12.93 3.39 10.33
CA LEU A 141 11.68 4.13 10.24
C LEU A 141 10.64 3.57 11.19
N TYR A 142 10.49 2.24 11.23
CA TYR A 142 9.56 1.64 12.17
C TYR A 142 9.87 2.09 13.60
N ARG A 143 11.15 2.06 13.96
CA ARG A 143 11.55 2.45 15.32
C ARG A 143 11.22 3.92 15.57
N VAL A 144 11.61 4.80 14.64
CA VAL A 144 11.50 6.24 14.87
C VAL A 144 10.05 6.71 14.83
N GLY A 145 9.16 5.96 14.20
CA GLY A 145 7.77 6.39 14.12
C GLY A 145 6.95 5.99 15.33
N ARG A 146 7.62 5.64 16.44
CA ARG A 146 6.95 5.16 17.64
C ARG A 146 6.89 6.19 18.76
N THR A 147 7.78 7.18 18.78
CA THR A 147 7.83 8.20 19.83
C THR A 147 7.32 9.52 19.28
N GLN A 148 6.29 10.07 19.93
CA GLN A 148 5.72 11.35 19.54
C GLN A 148 6.41 12.47 20.32
N MET A 149 7.57 12.88 19.80
CA MET A 149 8.27 14.07 20.29
C MET A 149 9.19 14.57 19.17
N PRO A 150 9.16 15.85 18.82
CA PRO A 150 10.00 16.30 17.69
C PRO A 150 11.49 16.15 17.94
N GLU A 151 11.95 16.48 19.15
CA GLU A 151 13.38 16.41 19.44
C GLU A 151 13.91 14.99 19.30
N TYR A 152 13.34 14.06 20.08
CA TYR A 152 13.75 12.66 19.98
C TYR A 152 13.59 12.14 18.56
N ARG A 153 12.49 12.48 17.90
CA ARG A 153 12.24 12.00 16.55
C ARG A 153 13.35 12.43 15.60
N LYS A 154 13.78 13.69 15.68
CA LYS A 154 14.84 14.15 14.78
C LYS A 154 16.20 13.60 15.18
N LYS A 155 16.43 13.39 16.47
CA LYS A 155 17.67 12.75 16.89
C LYS A 155 17.77 11.35 16.32
N LEU A 156 16.65 10.61 16.33
CA LEU A 156 16.67 9.26 15.79
C LEU A 156 16.75 9.27 14.26
N MET A 157 16.08 10.23 13.62
CA MET A 157 16.12 10.31 12.16
C MET A 157 17.39 10.94 11.65
N ASP A 158 18.29 11.36 12.53
CA ASP A 158 19.65 11.72 12.18
C ASP A 158 20.64 10.60 12.50
N GLY A 159 20.42 9.90 13.63
CA GLY A 159 21.23 8.73 13.91
C GLY A 159 21.06 7.65 12.85
N LEU A 160 19.84 7.47 12.35
CA LEU A 160 19.61 6.51 11.28
C LEU A 160 20.39 6.88 10.03
N THR A 161 20.35 8.16 9.65
CA THR A 161 21.09 8.60 8.47
C THR A 161 22.59 8.41 8.67
N ASN A 162 23.09 8.68 9.87
CA ASN A 162 24.51 8.43 10.15
C ASN A 162 24.86 6.95 10.02
N GLN A 163 23.99 6.08 10.55
CA GLN A 163 24.19 4.65 10.40
C GLN A 163 24.26 4.25 8.94
N CYS A 164 23.35 4.78 8.12
CA CYS A 164 23.38 4.46 6.69
C CYS A 164 24.64 5.05 6.03
N LYS A 165 25.07 6.22 6.49
CA LYS A 165 26.25 6.87 5.92
C LYS A 165 27.50 6.03 6.14
N MET A 166 27.67 5.51 7.35
CA MET A 166 28.86 4.72 7.64
C MET A 166 28.96 3.47 6.77
N ILE A 167 27.91 3.12 6.04
CA ILE A 167 27.89 1.96 5.17
C ILE A 167 28.00 2.37 3.70
N ASN A 168 27.14 3.28 3.25
CA ASN A 168 27.00 3.63 1.84
C ASN A 168 27.00 5.15 1.67
N GLU A 169 27.97 5.81 2.31
CA GLU A 169 28.03 7.26 2.35
C GLU A 169 27.86 7.85 0.95
N GLN A 170 27.33 9.07 0.91
CA GLN A 170 26.63 9.73 -0.19
C GLN A 170 25.19 9.24 -0.27
N PHE A 171 24.75 8.37 0.64
CA PHE A 171 23.32 8.18 0.86
C PHE A 171 22.66 9.50 1.23
N GLU A 172 21.44 9.70 0.76
CA GLU A 172 20.71 10.92 1.05
C GLU A 172 19.38 10.60 1.73
N PRO A 173 18.84 11.52 2.54
CA PRO A 173 17.55 11.26 3.20
C PRO A 173 16.42 11.12 2.18
N LEU A 174 15.57 10.12 2.41
CA LEU A 174 14.30 9.96 1.72
C LEU A 174 13.19 10.45 2.64
N VAL A 175 11.94 10.28 2.22
CA VAL A 175 10.75 10.57 3.01
C VAL A 175 10.89 11.95 3.67
N PRO A 176 10.83 13.04 2.91
CA PRO A 176 11.19 14.36 3.44
C PRO A 176 10.38 14.74 4.66
N GLU A 177 10.84 15.80 5.32
CA GLU A 177 10.42 16.18 6.67
C GLU A 177 8.98 16.66 6.75
N GLY A 178 8.21 16.66 5.66
CA GLY A 178 6.88 17.24 5.70
C GLY A 178 5.82 16.21 6.01
N ARG A 179 4.92 15.93 5.07
CA ARG A 179 3.86 14.96 5.32
C ARG A 179 4.45 13.63 5.77
N ASP A 180 4.00 13.15 6.92
CA ASP A 180 4.65 12.03 7.59
C ASP A 180 4.08 10.71 7.11
N ILE A 181 4.98 9.73 6.96
CA ILE A 181 4.63 8.38 6.55
C ILE A 181 5.13 7.43 7.63
N PHE A 182 4.91 6.13 7.45
CA PHE A 182 5.54 5.07 8.25
C PHE A 182 5.13 5.10 9.72
N ASP A 183 4.21 5.98 10.10
CA ASP A 183 3.68 5.98 11.45
C ASP A 183 2.44 5.10 11.58
N VAL A 184 1.80 4.77 10.46
CA VAL A 184 0.67 3.84 10.48
C VAL A 184 1.12 2.38 10.47
N TRP A 185 2.39 2.12 10.12
CA TRP A 185 2.82 0.74 9.92
C TRP A 185 2.75 -0.06 11.21
N GLY A 186 2.87 0.60 12.36
CA GLY A 186 2.71 -0.09 13.63
C GLY A 186 1.37 -0.78 13.76
N ASN A 187 0.37 -0.37 12.98
CA ASN A 187 -0.92 -1.04 12.97
C ASN A 187 -0.88 -2.37 12.23
N ASP A 188 0.15 -2.63 11.44
CA ASP A 188 0.24 -3.86 10.68
C ASP A 188 0.77 -5.00 11.54
N SER A 189 0.42 -6.22 11.14
CA SER A 189 0.74 -7.42 11.91
C SER A 189 1.89 -8.23 11.33
N ASN A 190 2.04 -8.26 10.01
CA ASN A 190 3.14 -9.01 9.41
C ASN A 190 4.45 -8.23 9.50
N TYR A 191 4.39 -6.90 9.37
CA TYR A 191 5.60 -6.10 9.43
C TYR A 191 6.27 -6.21 10.79
N THR A 192 5.49 -6.17 11.87
CA THR A 192 6.07 -6.31 13.19
C THR A 192 6.57 -7.73 13.43
N LYS A 193 5.93 -8.73 12.85
CA LYS A 193 6.48 -10.09 12.90
C LYS A 193 7.86 -10.13 12.27
N ILE A 194 8.01 -9.50 11.09
CA ILE A 194 9.30 -9.47 10.43
C ILE A 194 10.33 -8.78 11.30
N VAL A 195 9.96 -7.64 11.90
CA VAL A 195 10.91 -6.89 12.71
C VAL A 195 11.32 -7.69 13.93
N ALA A 196 10.37 -8.35 14.58
CA ALA A 196 10.69 -9.14 15.77
C ALA A 196 11.60 -10.30 15.43
N ALA A 197 11.30 -11.03 14.35
CA ALA A 197 12.17 -12.14 13.96
C ALA A 197 13.58 -11.65 13.64
N VAL A 198 13.69 -10.51 12.95
CA VAL A 198 15.00 -9.95 12.65
C VAL A 198 15.73 -9.62 13.95
N ASP A 199 15.04 -9.01 14.89
CA ASP A 199 15.68 -8.63 16.15
C ASP A 199 16.18 -9.84 16.91
N MET A 200 15.35 -10.88 17.00
CA MET A 200 15.75 -12.08 17.74
C MET A 200 16.96 -12.73 17.07
N PHE A 201 16.92 -12.88 15.75
CA PHE A 201 18.00 -13.58 15.06
C PHE A 201 19.31 -12.81 15.20
N PHE A 202 19.27 -11.50 15.01
CA PHE A 202 20.49 -10.71 15.16
C PHE A 202 20.84 -10.42 16.61
N HIS A 203 19.98 -10.79 17.55
CA HIS A 203 20.34 -10.72 18.96
C HIS A 203 21.10 -11.95 19.41
N MET A 204 20.76 -13.12 18.86
CA MET A 204 21.56 -14.30 19.17
C MET A 204 22.95 -14.19 18.55
N PHE A 205 23.01 -13.85 17.27
CA PHE A 205 24.27 -13.76 16.53
C PHE A 205 24.67 -12.29 16.46
N LYS A 206 25.38 -11.83 17.49
CA LYS A 206 25.81 -10.44 17.56
C LYS A 206 27.13 -10.17 16.85
N LYS A 207 27.89 -11.20 16.52
CA LYS A 207 29.13 -11.04 15.76
C LYS A 207 28.91 -11.03 14.26
N HIS A 208 27.67 -11.12 13.80
CA HIS A 208 27.38 -11.02 12.38
C HIS A 208 27.75 -9.64 11.86
N GLU A 209 28.22 -9.59 10.62
CA GLU A 209 28.65 -8.33 10.04
C GLU A 209 27.47 -7.41 9.71
N CYS A 210 26.28 -7.96 9.52
CA CYS A 210 25.08 -7.19 9.24
C CYS A 210 24.24 -6.96 10.49
N ALA A 211 24.83 -7.10 11.68
CA ALA A 211 24.08 -6.90 12.92
C ALA A 211 23.58 -5.47 13.06
N SER A 212 24.10 -4.53 12.27
CA SER A 212 23.67 -3.15 12.42
C SER A 212 22.20 -2.96 12.12
N PHE A 213 21.57 -3.91 11.41
CA PHE A 213 20.13 -3.86 11.21
C PHE A 213 19.40 -3.76 12.54
N ARG A 214 19.95 -4.37 13.58
CA ARG A 214 19.34 -4.34 14.90
C ARG A 214 19.22 -2.94 15.47
N TYR A 215 19.82 -1.93 14.83
CA TYR A 215 19.58 -0.56 15.25
C TYR A 215 18.11 -0.20 15.16
N GLY A 216 17.39 -0.79 14.21
CA GLY A 216 16.00 -0.45 14.00
C GLY A 216 14.99 -1.31 14.72
N THR A 217 15.42 -2.40 15.35
CA THR A 217 14.52 -3.43 15.85
C THR A 217 14.66 -3.68 17.35
N ILE A 218 15.33 -2.79 18.08
CA ILE A 218 15.54 -3.01 19.50
C ILE A 218 14.32 -2.64 20.34
N VAL A 219 13.42 -1.82 19.82
CA VAL A 219 12.26 -1.42 20.61
C VAL A 219 11.24 -2.54 20.73
N SER A 220 11.36 -3.59 19.92
CA SER A 220 10.36 -4.64 19.87
C SER A 220 10.58 -5.74 20.89
N ARG A 221 11.72 -5.79 21.58
CA ARG A 221 12.03 -6.98 22.36
C ARG A 221 11.31 -6.98 23.71
N PHE A 222 11.59 -6.00 24.56
CA PHE A 222 10.82 -5.82 25.80
C PHE A 222 9.79 -4.71 25.59
N LYS A 223 8.72 -5.05 24.88
CA LYS A 223 7.64 -4.12 24.60
C LYS A 223 6.40 -4.52 25.39
N ASP A 224 5.83 -3.58 26.12
CA ASP A 224 4.65 -3.79 26.96
C ASP A 224 4.94 -4.70 28.14
N CYS A 225 6.21 -4.83 28.52
CA CYS A 225 6.64 -5.70 29.61
C CYS A 225 7.35 -4.91 30.71
N ALA A 226 6.99 -3.64 30.90
CA ALA A 226 7.68 -2.82 31.89
C ALA A 226 7.08 -3.04 33.28
N ALA A 227 7.01 -4.29 33.70
CA ALA A 227 6.78 -4.65 35.09
C ALA A 227 7.87 -5.61 35.53
N LEU A 228 8.39 -6.39 34.58
CA LEU A 228 9.58 -7.19 34.83
C LEU A 228 10.80 -6.31 34.98
N ALA A 229 11.10 -5.51 33.95
CA ALA A 229 12.26 -4.61 33.97
C ALA A 229 12.42 -3.92 35.32
N THR A 230 11.33 -3.38 35.86
CA THR A 230 11.39 -2.74 37.17
C THR A 230 11.79 -3.73 38.24
N PHE A 231 11.25 -4.95 38.20
CA PHE A 231 11.62 -5.97 39.17
C PHE A 231 13.11 -6.26 39.12
N GLY A 232 13.67 -6.40 37.92
CA GLY A 232 15.09 -6.62 37.77
C GLY A 232 15.91 -5.45 38.27
N HIS A 233 15.51 -4.23 37.93
CA HIS A 233 16.25 -3.06 38.39
C HIS A 233 16.24 -2.95 39.90
N LEU A 234 15.12 -3.30 40.53
CA LEU A 234 15.05 -3.29 41.98
C LEU A 234 15.93 -4.39 42.57
N CYS A 235 15.97 -5.56 41.93
CA CYS A 235 16.80 -6.64 42.42
C CYS A 235 18.28 -6.27 42.35
N LYS A 236 18.67 -5.55 41.30
CA LYS A 236 20.08 -5.14 41.18
C LYS A 236 20.42 -4.00 42.13
N ILE A 237 19.56 -2.97 42.20
CA ILE A 237 19.84 -1.83 43.07
C ILE A 237 19.91 -2.29 44.52
N THR A 238 18.90 -3.02 44.98
CA THR A 238 18.87 -3.46 46.38
C THR A 238 20.11 -4.26 46.73
N GLY A 239 20.52 -5.17 45.85
CA GLY A 239 21.65 -6.04 46.10
C GLY A 239 21.31 -7.33 46.81
N MET A 240 20.05 -7.52 47.20
CA MET A 240 19.61 -8.74 47.85
C MET A 240 19.20 -9.77 46.81
N SER A 241 18.92 -10.98 47.29
CA SER A 241 18.41 -12.03 46.42
C SER A 241 16.97 -11.70 46.01
N THR A 242 16.38 -12.58 45.20
CA THR A 242 15.01 -12.38 44.76
C THR A 242 14.00 -12.78 45.84
N GLU A 243 14.35 -13.77 46.65
CA GLU A 243 13.45 -14.18 47.73
C GLU A 243 13.32 -13.09 48.78
N ASP A 244 14.45 -12.49 49.19
CA ASP A 244 14.39 -11.39 50.13
C ASP A 244 13.64 -10.20 49.55
N VAL A 245 13.74 -9.99 48.23
CA VAL A 245 13.05 -8.86 47.61
C VAL A 245 11.55 -9.10 47.59
N THR A 246 11.12 -10.30 47.21
CA THR A 246 9.69 -10.57 47.18
C THR A 246 9.10 -10.70 48.58
N THR A 247 9.92 -10.98 49.59
CA THR A 247 9.45 -10.92 50.96
C THR A 247 9.04 -9.50 51.33
N TRP A 248 9.84 -8.51 50.93
CA TRP A 248 9.58 -7.10 51.25
C TRP A 248 8.56 -6.55 50.26
N ILE A 249 7.28 -6.83 50.55
CA ILE A 249 6.16 -6.27 49.79
C ILE A 249 5.23 -5.49 50.69
N LEU A 250 4.76 -6.11 51.77
CA LEU A 250 4.01 -5.42 52.83
C LEU A 250 2.74 -4.75 52.31
N ASN A 251 2.06 -5.38 51.35
CA ASN A 251 0.77 -4.90 50.90
C ASN A 251 0.10 -5.96 50.05
N ARG A 252 -1.20 -6.17 50.27
CA ARG A 252 -1.99 -7.00 49.37
C ARG A 252 -2.64 -6.18 48.25
N GLU A 253 -1.81 -5.42 47.56
CA GLU A 253 -2.20 -4.73 46.32
C GLU A 253 -1.26 -5.08 45.18
N VAL A 254 0.02 -5.26 45.47
CA VAL A 254 0.98 -5.74 44.47
C VAL A 254 1.09 -7.26 44.48
N ALA A 255 0.56 -7.92 45.52
CA ALA A 255 0.67 -9.37 45.59
C ALA A 255 -0.17 -10.04 44.51
N ASP A 256 -1.34 -9.47 44.20
CA ASP A 256 -2.12 -9.97 43.08
C ASP A 256 -1.32 -9.86 41.78
N GLU A 257 -0.63 -8.74 41.59
CA GLU A 257 0.17 -8.56 40.39
C GLU A 257 1.38 -9.50 40.40
N MET A 258 2.03 -9.65 41.56
CA MET A 258 3.18 -10.54 41.64
C MET A 258 2.79 -11.97 41.31
N VAL A 259 1.64 -12.44 41.82
CA VAL A 259 1.16 -13.76 41.46
C VAL A 259 0.76 -13.80 39.98
N GLN A 260 0.31 -12.67 39.44
CA GLN A 260 -0.10 -12.62 38.04
C GLN A 260 1.08 -12.66 37.08
N MET A 261 2.30 -12.38 37.55
CA MET A 261 3.48 -12.35 36.71
C MET A 261 4.32 -13.62 36.80
N MET A 262 4.04 -14.50 37.75
CA MET A 262 4.92 -15.63 38.08
C MET A 262 4.09 -16.92 38.06
N LEU A 263 4.02 -17.55 36.89
CA LEU A 263 3.35 -18.82 36.70
C LEU A 263 4.35 -19.84 36.16
N PRO A 264 4.13 -21.14 36.41
CA PRO A 264 5.10 -22.14 35.96
C PRO A 264 5.51 -22.01 34.48
N GLY A 265 4.53 -21.96 33.58
CA GLY A 265 4.85 -21.84 32.17
C GLY A 265 5.35 -20.46 31.81
N GLN A 266 5.20 -20.06 30.55
CA GLN A 266 5.64 -18.73 30.11
C GLN A 266 7.12 -18.54 30.41
N GLU A 267 7.94 -19.38 29.80
CA GLU A 267 9.28 -19.66 30.34
C GLU A 267 10.13 -18.40 30.29
N ILE A 268 10.41 -17.84 31.46
CA ILE A 268 11.30 -16.71 31.61
C ILE A 268 12.65 -17.28 32.04
N ASP A 269 13.69 -16.47 31.91
CA ASP A 269 15.09 -16.80 32.21
C ASP A 269 15.72 -17.64 31.12
N LYS A 270 15.04 -17.87 30.00
CA LYS A 270 15.61 -18.50 28.82
C LYS A 270 15.70 -17.41 27.76
N ALA A 271 16.90 -16.85 27.58
CA ALA A 271 17.08 -15.75 26.64
C ALA A 271 16.64 -16.13 25.24
N ASP A 272 16.82 -17.39 24.85
CA ASP A 272 16.48 -17.85 23.50
C ASP A 272 15.08 -18.45 23.50
N SER A 273 14.09 -17.57 23.68
CA SER A 273 12.69 -17.97 23.70
C SER A 273 11.86 -16.90 23.01
N TYR A 274 10.56 -17.16 22.87
CA TYR A 274 9.66 -16.29 22.16
C TYR A 274 8.92 -15.32 23.07
N MET A 275 9.20 -15.34 24.38
CA MET A 275 8.44 -14.47 25.28
C MET A 275 8.53 -13.00 24.89
N PRO A 276 9.71 -12.37 24.91
CA PRO A 276 9.75 -10.91 24.71
C PRO A 276 9.00 -10.44 23.47
N TYR A 277 8.83 -11.29 22.48
CA TYR A 277 8.04 -10.98 21.30
C TYR A 277 6.62 -11.49 21.40
N LEU A 278 6.11 -11.67 22.63
CA LEU A 278 4.72 -12.07 22.80
C LEU A 278 3.79 -11.05 22.15
N ILE A 279 4.15 -9.76 22.19
CA ILE A 279 3.35 -8.73 21.55
C ILE A 279 3.46 -8.84 20.04
N ASP A 280 4.69 -8.74 19.52
CA ASP A 280 4.90 -8.61 18.08
C ASP A 280 4.42 -9.85 17.34
N PHE A 281 4.90 -11.03 17.75
CA PHE A 281 4.55 -12.26 17.05
C PHE A 281 3.08 -12.63 17.22
N GLY A 282 2.36 -11.97 18.12
CA GLY A 282 0.96 -12.26 18.34
C GLY A 282 0.68 -13.37 19.34
N LEU A 283 1.68 -13.79 20.10
CA LEU A 283 1.47 -14.84 21.09
C LEU A 283 0.59 -14.37 22.24
N SER A 284 0.49 -13.06 22.46
CA SER A 284 -0.27 -12.50 23.57
C SER A 284 -0.78 -11.13 23.18
N SER A 285 -2.07 -10.89 23.40
CA SER A 285 -2.67 -9.60 23.04
C SER A 285 -2.37 -8.54 24.10
N LYS A 286 -2.80 -8.79 25.33
CA LYS A 286 -2.51 -7.92 26.47
C LYS A 286 -1.55 -8.64 27.40
N SER A 287 -0.32 -8.16 27.47
CA SER A 287 0.69 -8.83 28.26
C SER A 287 0.44 -8.58 29.74
N PRO A 288 0.48 -9.62 30.59
CA PRO A 288 0.31 -9.39 32.03
C PRO A 288 1.41 -8.55 32.65
N TYR A 289 2.50 -8.28 31.92
CA TYR A 289 3.66 -7.60 32.47
C TYR A 289 3.64 -6.10 32.19
N SER A 290 2.49 -5.58 31.77
CA SER A 290 2.36 -4.18 31.40
C SER A 290 2.52 -3.28 32.61
N SER A 291 2.66 -1.98 32.35
CA SER A 291 2.58 -0.96 33.37
C SER A 291 1.16 -0.40 33.53
N VAL A 292 0.22 -0.84 32.72
CA VAL A 292 -1.17 -0.42 32.85
C VAL A 292 -2.02 -1.45 33.59
N LYS A 293 -1.54 -2.69 33.71
CA LYS A 293 -2.23 -3.71 34.50
C LYS A 293 -1.48 -4.08 35.76
N ASN A 294 -0.27 -3.54 35.96
CA ASN A 294 0.45 -3.65 37.23
C ASN A 294 0.91 -2.27 37.66
N PRO A 295 -0.02 -1.32 37.81
CA PRO A 295 0.40 0.04 38.16
C PRO A 295 0.91 0.17 39.58
N ALA A 296 0.30 -0.53 40.53
CA ALA A 296 0.79 -0.49 41.91
C ALA A 296 2.19 -1.06 42.01
N PHE A 297 2.45 -2.18 41.33
CA PHE A 297 3.77 -2.78 41.35
C PHE A 297 4.79 -1.85 40.72
N HIS A 298 4.45 -1.27 39.57
CA HIS A 298 5.35 -0.34 38.90
C HIS A 298 5.70 0.83 39.82
N PHE A 299 4.68 1.43 40.43
CA PHE A 299 4.90 2.61 41.26
C PHE A 299 5.72 2.28 42.48
N TRP A 300 5.41 1.18 43.17
CA TRP A 300 6.16 0.82 44.37
C TRP A 300 7.60 0.49 44.03
N GLY A 301 7.82 -0.30 42.97
CA GLY A 301 9.18 -0.66 42.61
C GLY A 301 10.02 0.56 42.25
N GLN A 302 9.48 1.45 41.43
CA GLN A 302 10.30 2.57 41.01
C GLN A 302 10.34 3.70 42.04
N LEU A 303 9.43 3.72 43.01
CA LEU A 303 9.58 4.65 44.11
C LEU A 303 10.68 4.17 45.07
N THR A 304 10.73 2.86 45.34
CA THR A 304 11.86 2.33 46.08
C THR A 304 13.17 2.64 45.36
N ALA A 305 13.20 2.40 44.04
CA ALA A 305 14.40 2.71 43.27
C ALA A 305 14.76 4.18 43.37
N LEU A 306 13.77 5.08 43.34
CA LEU A 306 14.04 6.50 43.45
C LEU A 306 14.60 6.84 44.83
N LEU A 307 14.12 6.16 45.86
CA LEU A 307 14.59 6.38 47.22
C LEU A 307 15.85 5.60 47.53
N LEU A 308 16.42 4.89 46.55
CA LEU A 308 17.71 4.23 46.72
C LEU A 308 18.75 4.78 45.74
N ARG A 309 18.70 6.08 45.47
CA ARG A 309 19.72 6.76 44.68
C ARG A 309 19.91 6.10 43.32
N SER A 310 18.81 5.97 42.59
CA SER A 310 18.81 5.41 41.24
C SER A 310 18.69 6.51 40.21
N THR A 311 19.28 6.28 39.04
CA THR A 311 19.15 7.25 37.94
C THR A 311 17.82 7.07 37.23
N ARG A 312 17.55 5.87 36.73
CA ARG A 312 16.28 5.57 36.06
C ARG A 312 15.19 5.37 37.11
N ALA A 313 14.87 6.44 37.83
CA ALA A 313 13.64 6.51 38.59
C ALA A 313 12.88 7.81 38.41
N ARG A 314 13.52 8.89 37.94
CA ARG A 314 12.92 10.19 37.82
C ARG A 314 12.28 10.43 36.45
N ASN A 315 12.12 9.37 35.65
CA ASN A 315 11.51 9.49 34.33
C ASN A 315 10.38 8.50 34.11
N ALA A 316 10.02 7.72 35.13
CA ALA A 316 8.87 6.83 35.03
C ALA A 316 7.58 7.63 35.03
N ARG A 317 6.49 6.99 34.61
CA ARG A 317 5.19 7.62 34.63
C ARG A 317 4.46 7.30 35.93
N GLN A 318 3.40 8.06 36.20
CA GLN A 318 2.65 7.99 37.45
C GLN A 318 1.22 7.59 37.11
N PRO A 319 0.93 6.28 36.99
CA PRO A 319 -0.43 5.86 36.64
C PRO A 319 -1.44 6.27 37.71
N ASP A 320 -2.65 6.57 37.25
CA ASP A 320 -3.72 7.06 38.11
C ASP A 320 -4.68 5.93 38.46
N ASP A 321 -5.77 6.27 39.14
CA ASP A 321 -6.74 5.28 39.64
C ASP A 321 -6.08 4.29 40.60
N ILE A 322 -5.06 4.74 41.33
CA ILE A 322 -4.37 3.92 42.32
C ILE A 322 -4.17 4.77 43.58
N GLU A 323 -4.41 4.17 44.74
CA GLU A 323 -4.44 4.89 46.00
C GLU A 323 -3.02 5.03 46.54
N TYR A 324 -2.47 6.24 46.42
CA TYR A 324 -1.06 6.47 46.69
C TYR A 324 -0.71 6.46 48.17
N THR A 325 -1.68 6.68 49.06
CA THR A 325 -1.35 6.83 50.47
C THR A 325 -0.75 5.56 51.07
N SER A 326 -0.91 4.41 50.43
CA SER A 326 -0.42 3.15 50.97
C SER A 326 0.98 2.81 50.50
N LEU A 327 1.25 2.98 49.20
CA LEU A 327 2.50 2.49 48.62
C LEU A 327 3.71 3.25 49.15
N THR A 328 3.56 4.56 49.37
CA THR A 328 4.71 5.39 49.72
C THR A 328 5.32 4.94 51.04
N THR A 329 4.49 4.59 52.02
CA THR A 329 5.03 4.22 53.33
C THR A 329 5.81 2.92 53.24
N ALA A 330 5.28 1.92 52.53
CA ALA A 330 6.01 0.67 52.37
C ALA A 330 7.31 0.88 51.62
N GLY A 331 7.28 1.68 50.54
CA GLY A 331 8.50 1.93 49.80
C GLY A 331 9.56 2.60 50.64
N LEU A 332 9.16 3.62 51.42
CA LEU A 332 10.11 4.31 52.28
C LEU A 332 10.65 3.39 53.37
N LEU A 333 9.79 2.56 53.96
CA LEU A 333 10.25 1.60 54.95
C LEU A 333 11.31 0.68 54.35
N TYR A 334 11.05 0.16 53.14
CA TYR A 334 12.00 -0.77 52.53
C TYR A 334 13.32 -0.07 52.20
N ALA A 335 13.24 1.15 51.67
CA ALA A 335 14.45 1.88 51.34
C ALA A 335 15.29 2.15 52.59
N TYR A 336 14.64 2.57 53.68
CA TYR A 336 15.38 2.79 54.92
C TYR A 336 15.98 1.48 55.44
N ALA A 337 15.23 0.37 55.33
CA ALA A 337 15.75 -0.91 55.78
C ALA A 337 17.04 -1.27 55.05
N VAL A 338 17.01 -1.21 53.72
CA VAL A 338 18.20 -1.58 52.95
C VAL A 338 19.33 -0.58 53.18
N GLY A 339 19.02 0.71 53.32
CA GLY A 339 20.04 1.72 53.38
C GLY A 339 20.63 2.00 54.75
N SER A 340 20.00 1.50 55.82
CA SER A 340 20.53 1.70 57.15
C SER A 340 21.46 0.55 57.56
N SER A 341 20.99 -0.68 57.46
CA SER A 341 21.79 -1.85 57.82
C SER A 341 23.05 -1.93 56.96
N THR A 366 14.17 4.06 72.54
CA THR A 366 14.21 2.78 71.85
C THR A 366 15.66 2.38 71.59
N ASN A 367 15.89 1.06 71.49
CA ASN A 367 17.23 0.54 71.27
C ASN A 367 17.81 0.90 69.90
N ALA A 368 17.06 1.63 69.05
CA ALA A 368 17.47 2.14 67.74
C ALA A 368 16.99 1.16 66.67
N PRO A 369 17.12 1.49 65.39
CA PRO A 369 16.70 0.56 64.34
C PRO A 369 17.46 -0.75 64.43
N PRO A 370 16.81 -1.88 64.16
CA PRO A 370 17.52 -3.16 64.23
C PRO A 370 18.52 -3.32 63.11
N GLN A 371 19.61 -4.02 63.42
CA GLN A 371 20.63 -4.31 62.42
C GLN A 371 20.24 -5.52 61.60
N GLY A 372 20.77 -5.59 60.38
CA GLY A 372 20.36 -6.59 59.42
C GLY A 372 19.10 -6.19 58.70
N ARG A 373 18.76 -6.97 57.67
CA ARG A 373 17.64 -6.68 56.78
C ARG A 373 16.75 -7.91 56.66
N ASP A 374 15.60 -7.87 57.33
CA ASP A 374 14.59 -8.91 57.19
C ASP A 374 13.26 -8.38 57.70
N VAL A 375 12.19 -8.62 56.95
CA VAL A 375 10.91 -8.03 57.29
C VAL A 375 10.43 -8.52 58.64
N VAL A 376 10.76 -9.76 59.00
CA VAL A 376 10.17 -10.37 60.19
C VAL A 376 10.46 -9.52 61.43
N GLU A 377 11.66 -8.98 61.53
CA GLU A 377 12.04 -8.15 62.67
C GLU A 377 11.99 -6.66 62.36
N TRP A 378 11.47 -6.27 61.19
CA TRP A 378 11.26 -4.86 60.88
C TRP A 378 9.82 -4.42 61.13
N LEU A 379 8.84 -5.24 60.74
CA LEU A 379 7.45 -4.95 61.10
C LEU A 379 7.30 -4.80 62.60
N GLY A 380 8.11 -5.51 63.39
CA GLY A 380 8.04 -5.36 64.83
C GLY A 380 8.38 -3.94 65.27
N TRP A 381 9.47 -3.40 64.76
CA TRP A 381 9.88 -2.05 65.15
C TRP A 381 8.90 -1.01 64.62
N PHE A 382 8.37 -1.22 63.41
CA PHE A 382 7.39 -0.29 62.88
C PHE A 382 6.11 -0.30 63.70
N GLU A 383 5.63 -1.50 64.07
CA GLU A 383 4.36 -1.60 64.79
C GLU A 383 4.50 -1.09 66.21
N ASP A 384 5.54 -1.53 66.92
CA ASP A 384 5.68 -1.15 68.33
C ASP A 384 5.80 0.36 68.50
N GLN A 385 6.32 1.06 67.49
CA GLN A 385 6.42 2.51 67.50
C GLN A 385 5.31 3.17 66.69
N ASN A 386 4.12 2.57 66.68
CA ASN A 386 2.99 3.04 65.88
C ASN A 386 3.39 3.26 64.41
N ARG A 387 2.44 3.77 63.62
CA ARG A 387 2.64 3.87 62.17
C ARG A 387 3.42 5.11 61.75
N LYS A 388 3.71 6.02 62.66
CA LYS A 388 4.35 7.28 62.28
C LYS A 388 5.78 7.03 61.81
N PRO A 389 6.17 7.45 60.60
CA PRO A 389 7.57 7.36 60.22
C PRO A 389 8.47 8.19 61.13
N THR A 390 9.68 7.69 61.37
CA THR A 390 10.64 8.42 62.16
C THR A 390 11.08 9.68 61.42
N PRO A 391 11.37 10.78 62.14
CA PRO A 391 11.94 11.96 61.45
C PRO A 391 13.20 11.65 60.67
N ASP A 392 14.06 10.77 61.19
CA ASP A 392 15.28 10.42 60.48
C ASP A 392 14.97 9.76 59.13
N MET A 393 13.94 8.91 59.10
CA MET A 393 13.56 8.28 57.83
C MET A 393 13.16 9.31 56.80
N MET A 394 12.38 10.32 57.21
CA MET A 394 11.96 11.35 56.26
C MET A 394 13.13 12.24 55.86
N GLN A 395 14.06 12.49 56.78
CA GLN A 395 15.28 13.20 56.42
C GLN A 395 16.05 12.44 55.35
N TYR A 396 16.18 11.11 55.52
CA TYR A 396 16.84 10.30 54.51
C TYR A 396 16.12 10.37 53.18
N ALA A 397 14.78 10.28 53.21
CA ALA A 397 14.02 10.34 51.97
C ALA A 397 14.22 11.67 51.27
N LYS A 398 14.23 12.77 52.01
CA LYS A 398 14.40 14.08 51.40
C LYS A 398 15.81 14.26 50.86
N ARG A 399 16.83 13.87 51.63
CA ARG A 399 18.20 14.01 51.16
C ARG A 399 18.49 13.10 49.97
N ALA A 400 17.72 12.02 49.80
CA ALA A 400 17.89 11.17 48.63
C ALA A 400 17.30 11.82 47.37
N VAL A 401 16.40 12.79 47.53
CA VAL A 401 15.78 13.48 46.41
C VAL A 401 15.98 14.99 46.51
N MET A 402 17.02 15.42 47.24
CA MET A 402 17.27 16.85 47.42
C MET A 402 17.47 17.55 46.09
N SER A 403 18.36 17.01 45.26
CA SER A 403 18.72 17.63 43.99
C SER A 403 18.19 16.78 42.83
N LEU A 404 17.36 17.39 42.00
CA LEU A 404 16.88 16.79 40.76
C LEU A 404 16.69 17.91 39.76
N GLN A 405 17.36 17.79 38.61
CA GLN A 405 17.44 18.91 37.66
C GLN A 405 16.23 18.95 36.73
N GLY A 406 15.98 17.87 36.01
CA GLY A 406 14.87 17.80 35.08
C GLY A 406 13.71 16.99 35.66
N LEU A 407 12.50 17.46 35.42
CA LEU A 407 11.30 16.78 35.87
C LEU A 407 10.19 17.03 34.85
N ARG A 408 9.32 16.03 34.71
CA ARG A 408 8.24 16.08 33.74
C ARG A 408 6.93 15.71 34.41
N GLU A 409 5.84 16.32 33.93
CA GLU A 409 4.54 16.11 34.54
C GLU A 409 4.16 14.64 34.51
N LYS A 410 3.61 14.15 35.63
CA LYS A 410 3.31 12.72 35.82
C LYS A 410 4.58 11.88 35.81
N THR A 411 5.57 12.28 36.61
CA THR A 411 6.74 11.47 36.86
C THR A 411 6.85 11.14 38.35
N ILE A 412 7.45 10.00 38.65
CA ILE A 412 7.66 9.62 40.04
C ILE A 412 8.63 10.60 40.70
N GLY A 413 9.57 11.15 39.93
CA GLY A 413 10.39 12.24 40.45
C GLY A 413 9.55 13.41 40.89
N LYS A 414 8.52 13.75 40.12
CA LYS A 414 7.65 14.87 40.48
C LYS A 414 6.95 14.60 41.80
N TYR A 415 6.36 13.41 41.94
CA TYR A 415 5.68 13.06 43.19
C TYR A 415 6.65 13.12 44.36
N ALA A 416 7.83 12.54 44.21
CA ALA A 416 8.80 12.51 45.30
C ALA A 416 9.21 13.91 45.69
N LYS A 417 9.54 14.76 44.72
CA LYS A 417 9.91 16.13 45.01
C LYS A 417 8.74 16.92 45.59
N SER A 418 7.50 16.48 45.35
CA SER A 418 6.35 17.19 45.88
C SER A 418 6.05 16.82 47.32
N GLU A 419 6.11 15.54 47.67
CA GLU A 419 5.69 15.11 49.00
C GLU A 419 6.85 15.02 49.99
N PHE A 420 8.03 14.62 49.54
CA PHE A 420 9.18 14.46 50.43
C PHE A 420 9.96 15.75 50.63
N ASP A 421 9.93 16.65 49.65
CA ASP A 421 10.67 17.91 49.77
C ASP A 421 10.01 18.88 50.76
N LYS A 422 8.80 18.59 51.21
CA LYS A 422 8.09 19.43 52.18
C LYS A 422 9.01 19.90 53.31
N ASN B 57 -3.97 -17.23 -21.75
CA ASN B 57 -4.41 -15.84 -21.83
C ASN B 57 -5.71 -15.73 -22.61
N GLN B 58 -6.46 -14.65 -22.35
CA GLN B 58 -7.73 -14.44 -23.03
C GLN B 58 -8.04 -12.94 -23.01
N LEU B 59 -8.90 -12.53 -23.95
CA LEU B 59 -9.25 -11.14 -24.07
C LEU B 59 -9.96 -10.64 -22.81
N ARG B 60 -9.50 -9.50 -22.29
CA ARG B 60 -10.13 -8.83 -21.16
C ARG B 60 -10.42 -7.39 -21.54
N TYR B 61 -11.59 -6.90 -21.14
CA TYR B 61 -12.02 -5.55 -21.47
C TYR B 61 -11.83 -4.63 -20.27
N GLU B 62 -11.46 -3.37 -20.55
CA GLU B 62 -11.15 -2.40 -19.50
C GLU B 62 -11.73 -1.06 -19.88
N LYS B 63 -12.75 -0.61 -19.15
CA LYS B 63 -13.33 0.71 -19.35
C LYS B 63 -12.68 1.70 -18.41
N PHE B 64 -12.53 2.95 -18.87
CA PHE B 64 -11.81 3.93 -18.07
C PHE B 64 -11.97 5.31 -18.69
N PHE B 65 -11.95 6.32 -17.82
CA PHE B 65 -11.82 7.70 -18.25
C PHE B 65 -10.37 8.01 -18.60
N PHE B 66 -10.20 8.85 -19.61
CA PHE B 66 -8.89 9.30 -20.09
C PHE B 66 -8.92 10.80 -20.29
N THR B 67 -7.79 11.46 -19.98
CA THR B 67 -7.60 12.88 -20.24
C THR B 67 -6.16 13.09 -20.66
N VAL B 68 -5.94 13.91 -21.68
CA VAL B 68 -4.65 13.98 -22.36
C VAL B 68 -4.33 15.41 -22.72
N LYS B 69 -3.04 15.73 -22.66
CA LYS B 69 -2.52 17.02 -23.14
C LYS B 69 -1.07 16.81 -23.55
N MET B 70 -0.72 17.21 -24.77
CA MET B 70 0.63 17.05 -25.27
C MET B 70 1.10 18.32 -25.95
N THR B 71 2.40 18.60 -25.81
CA THR B 71 3.04 19.74 -26.44
C THR B 71 4.42 19.34 -26.94
N VAL B 72 4.76 19.82 -28.13
CA VAL B 72 6.06 19.56 -28.74
C VAL B 72 6.61 20.88 -29.27
N ARG B 73 7.87 21.15 -28.96
CA ARG B 73 8.53 22.40 -29.31
C ARG B 73 9.81 22.11 -30.06
N SER B 74 10.00 22.75 -31.20
CA SER B 74 11.19 22.54 -32.03
C SER B 74 11.23 23.60 -33.12
N ASN B 75 12.24 23.51 -33.97
CA ASN B 75 12.49 24.43 -35.08
C ASN B 75 12.29 23.72 -36.41
N ARG B 76 12.54 24.45 -37.51
CA ARG B 76 12.57 23.88 -38.86
C ARG B 76 11.31 23.04 -39.09
N PRO B 77 10.13 23.66 -39.22
CA PRO B 77 8.89 23.02 -38.76
C PRO B 77 8.65 21.62 -39.30
N PHE B 78 7.71 20.94 -38.65
CA PHE B 78 7.79 19.50 -38.43
C PHE B 78 7.13 18.78 -39.61
N ARG B 79 7.93 18.47 -40.61
CA ARG B 79 7.43 18.00 -41.90
C ARG B 79 7.07 16.52 -41.85
N THR B 80 5.85 16.20 -42.30
CA THR B 80 5.37 14.83 -42.48
C THR B 80 5.03 14.18 -41.14
N TYR B 81 4.29 13.07 -41.17
CA TYR B 81 3.83 12.41 -39.96
C TYR B 81 4.83 11.39 -39.40
N SER B 82 5.67 10.80 -40.24
CA SER B 82 6.59 9.78 -39.75
C SER B 82 7.44 10.32 -38.60
N ASP B 83 7.92 11.55 -38.75
CA ASP B 83 8.69 12.16 -37.68
C ASP B 83 7.85 12.39 -36.44
N VAL B 84 6.54 12.56 -36.58
CA VAL B 84 5.68 12.69 -35.39
C VAL B 84 5.82 11.44 -34.53
N ALA B 85 5.58 10.28 -35.12
CA ALA B 85 5.71 9.03 -34.38
C ALA B 85 7.13 8.87 -33.84
N ALA B 86 8.13 9.07 -34.71
CA ALA B 86 9.50 8.80 -34.30
C ALA B 86 9.91 9.68 -33.11
N ALA B 87 9.58 10.98 -33.17
CA ALA B 87 9.94 11.88 -32.08
C ALA B 87 9.16 11.57 -30.81
N VAL B 88 7.82 11.59 -30.89
CA VAL B 88 7.04 11.43 -29.68
C VAL B 88 7.22 10.05 -29.05
N SER B 89 7.67 9.06 -29.82
CA SER B 89 7.84 7.73 -29.25
C SER B 89 8.86 7.69 -28.12
N HIS B 90 9.70 8.72 -27.98
CA HIS B 90 10.74 8.75 -26.97
C HIS B 90 10.33 9.56 -25.75
N TRP B 91 9.03 9.57 -25.43
CA TRP B 91 8.55 10.21 -24.22
C TRP B 91 8.90 9.43 -22.95
N ASP B 92 9.32 8.18 -23.08
CA ASP B 92 9.58 7.31 -21.94
C ASP B 92 10.93 6.60 -22.09
N HIS B 93 11.96 7.34 -22.48
CA HIS B 93 13.28 6.73 -22.59
C HIS B 93 13.75 6.21 -21.25
N MET B 94 13.55 6.98 -20.18
CA MET B 94 13.84 6.56 -18.81
C MET B 94 12.56 6.73 -18.01
N TYR B 95 11.74 5.68 -17.99
CA TYR B 95 10.43 5.74 -17.37
C TYR B 95 10.53 5.67 -15.85
N ILE B 96 9.86 6.58 -15.16
CA ILE B 96 9.74 6.53 -13.72
C ILE B 96 8.27 6.66 -13.32
N GLY B 97 7.38 6.48 -14.28
CA GLY B 97 5.95 6.54 -14.03
C GLY B 97 5.42 5.26 -13.41
N MET B 98 4.13 5.29 -13.07
CA MET B 98 3.49 4.18 -12.37
C MET B 98 3.35 2.99 -13.32
N ALA B 99 4.14 1.94 -13.08
CA ALA B 99 4.00 0.71 -13.85
C ALA B 99 2.58 0.18 -13.74
N GLY B 100 2.22 -0.70 -14.68
CA GLY B 100 0.87 -1.16 -14.82
C GLY B 100 -0.01 -0.29 -15.70
N LYS B 101 0.40 0.96 -15.93
CA LYS B 101 -0.27 1.87 -16.85
C LYS B 101 0.50 2.04 -18.15
N ARG B 102 1.66 1.40 -18.29
CA ARG B 102 2.45 1.53 -19.52
C ARG B 102 1.65 1.23 -20.77
N PRO B 103 0.89 0.13 -20.87
CA PRO B 103 0.07 -0.06 -22.09
C PRO B 103 -0.87 1.11 -22.34
N PHE B 104 -1.57 1.54 -21.28
CA PHE B 104 -2.51 2.64 -21.43
C PHE B 104 -1.79 3.92 -21.84
N TYR B 105 -0.65 4.19 -21.22
CA TYR B 105 0.09 5.41 -21.55
C TYR B 105 0.58 5.41 -22.99
N LYS B 106 1.08 4.25 -23.46
CA LYS B 106 1.55 4.18 -24.84
C LYS B 106 0.41 4.37 -25.83
N ILE B 107 -0.71 3.68 -25.61
CA ILE B 107 -1.89 3.89 -26.44
C ILE B 107 -2.29 5.36 -26.43
N LEU B 108 -2.28 5.99 -25.25
CA LEU B 108 -2.74 7.34 -25.11
C LEU B 108 -1.82 8.33 -25.81
N ALA B 109 -0.51 8.12 -25.69
CA ALA B 109 0.44 8.96 -26.42
C ALA B 109 0.26 8.81 -27.92
N PHE B 110 -0.01 7.59 -28.39
CA PHE B 110 -0.29 7.39 -29.81
C PHE B 110 -1.53 8.17 -30.23
N LEU B 111 -2.60 8.07 -29.44
CA LEU B 111 -3.83 8.79 -29.74
C LEU B 111 -3.58 10.29 -29.81
N GLY B 112 -2.85 10.83 -28.84
CA GLY B 112 -2.61 12.26 -28.82
C GLY B 112 -1.73 12.72 -29.98
N SER B 113 -0.71 11.92 -30.32
CA SER B 113 0.14 12.26 -31.45
C SER B 113 -0.64 12.22 -32.76
N SER B 114 -1.64 11.35 -32.86
CA SER B 114 -2.40 11.23 -34.10
C SER B 114 -2.97 12.58 -34.54
N ASN B 115 -3.68 13.27 -33.65
CA ASN B 115 -4.51 14.42 -34.00
C ASN B 115 -4.02 15.72 -33.38
N LEU B 116 -2.70 15.92 -33.33
CA LEU B 116 -2.16 17.16 -32.77
C LEU B 116 -2.28 18.29 -33.78
N LYS B 117 -2.65 19.47 -33.29
CA LYS B 117 -2.83 20.65 -34.11
C LYS B 117 -1.64 21.60 -33.93
N ALA B 118 -1.01 21.97 -35.03
CA ALA B 118 0.01 23.00 -34.98
C ALA B 118 -0.62 24.36 -34.69
N THR B 119 0.09 25.17 -33.91
CA THR B 119 -0.44 26.42 -33.43
C THR B 119 -0.39 27.49 -34.52
N PRO B 120 -1.23 28.53 -34.42
CA PRO B 120 -1.18 29.61 -35.42
C PRO B 120 0.19 30.25 -35.54
N ALA B 121 0.96 30.29 -34.45
CA ALA B 121 2.32 30.81 -34.53
C ALA B 121 3.12 30.10 -35.59
N VAL B 122 2.89 28.81 -35.78
CA VAL B 122 3.55 28.08 -36.87
C VAL B 122 3.24 28.74 -38.20
N LEU B 123 1.98 29.09 -38.42
CA LEU B 123 1.58 29.72 -39.68
C LEU B 123 2.21 31.10 -39.82
N ALA B 124 2.15 31.91 -38.75
CA ALA B 124 2.57 33.31 -38.87
C ALA B 124 4.10 33.43 -38.88
N ASP B 125 4.78 32.81 -37.92
CA ASP B 125 6.22 32.94 -37.77
C ASP B 125 6.85 31.56 -37.72
N GLN B 126 8.02 31.42 -38.37
CA GLN B 126 8.71 30.15 -38.47
C GLN B 126 9.84 29.99 -37.46
N GLY B 127 10.07 30.99 -36.61
CA GLY B 127 11.23 30.92 -35.73
C GLY B 127 11.16 29.76 -34.75
N GLN B 128 10.03 29.65 -34.04
CA GLN B 128 9.79 28.54 -33.12
C GLN B 128 8.36 28.04 -33.31
N PRO B 129 8.14 27.02 -34.14
CA PRO B 129 6.83 26.39 -34.18
C PRO B 129 6.49 25.72 -32.86
N GLU B 130 5.22 25.32 -32.73
CA GLU B 130 4.75 24.59 -31.57
C GLU B 130 3.59 23.70 -32.00
N TYR B 131 3.54 22.49 -31.47
CA TYR B 131 2.46 21.55 -31.76
C TYR B 131 1.75 21.17 -30.46
N HIS B 132 0.43 21.21 -30.49
CA HIS B 132 -0.38 20.98 -29.30
C HIS B 132 -1.42 19.91 -29.58
N ALA B 133 -1.86 19.26 -28.51
CA ALA B 133 -2.95 18.30 -28.58
C ALA B 133 -3.61 18.20 -27.21
N HIS B 134 -4.89 17.85 -27.22
CA HIS B 134 -5.65 17.73 -25.98
C HIS B 134 -6.88 16.90 -26.24
N CYS B 135 -7.17 15.99 -25.31
CA CYS B 135 -8.26 15.03 -25.49
C CYS B 135 -8.86 14.68 -24.14
N GLU B 136 -10.10 14.21 -24.16
CA GLU B 136 -10.75 13.78 -22.93
C GLU B 136 -11.99 12.97 -23.26
N GLY B 137 -12.23 11.91 -22.50
CA GLY B 137 -13.42 11.11 -22.70
C GLY B 137 -13.39 9.87 -21.83
N ARG B 138 -14.28 8.93 -22.19
CA ARG B 138 -14.37 7.62 -21.56
C ARG B 138 -14.32 6.56 -22.65
N ALA B 139 -13.38 5.63 -22.54
CA ALA B 139 -13.19 4.61 -23.57
C ALA B 139 -12.98 3.25 -22.91
N TYR B 140 -13.25 2.21 -23.68
CA TYR B 140 -13.03 0.84 -23.25
C TYR B 140 -12.15 0.12 -24.25
N LEU B 141 -11.10 -0.53 -23.73
CA LEU B 141 -10.05 -1.15 -24.53
C LEU B 141 -10.00 -2.64 -24.26
N PRO B 142 -9.88 -3.48 -25.31
CA PRO B 142 -9.53 -4.89 -25.07
C PRO B 142 -8.03 -5.11 -25.05
N HIS B 143 -7.58 -5.91 -24.09
CA HIS B 143 -6.16 -6.23 -23.95
C HIS B 143 -6.03 -7.61 -23.32
N ARG B 144 -4.81 -8.14 -23.39
CA ARG B 144 -4.50 -9.45 -22.81
C ARG B 144 -3.21 -9.41 -22.00
N MET B 145 -2.73 -8.22 -21.62
CA MET B 145 -1.49 -8.11 -20.87
C MET B 145 -1.52 -8.98 -19.63
N GLY B 146 -2.61 -8.92 -18.86
CA GLY B 146 -2.69 -9.59 -17.58
C GLY B 146 -3.91 -9.14 -16.80
N LYS B 147 -3.71 -8.80 -15.54
CA LYS B 147 -4.77 -8.21 -14.72
C LYS B 147 -4.23 -6.91 -14.12
N THR B 148 -5.00 -5.83 -14.27
CA THR B 148 -4.51 -4.53 -13.87
C THR B 148 -4.93 -4.21 -12.44
N PRO B 149 -4.02 -3.73 -11.59
CA PRO B 149 -4.41 -3.40 -10.22
C PRO B 149 -5.29 -2.15 -10.21
N PRO B 150 -5.79 -1.75 -9.04
CA PRO B 150 -6.63 -0.54 -8.99
C PRO B 150 -5.90 0.68 -9.50
N MET B 151 -6.61 1.50 -10.27
CA MET B 151 -6.08 2.73 -10.82
C MET B 151 -6.39 3.89 -9.87
N LEU B 152 -6.09 5.10 -10.31
CA LEU B 152 -6.41 6.30 -9.54
C LEU B 152 -6.53 7.48 -10.48
N ASN B 153 -7.34 8.46 -10.09
CA ASN B 153 -7.49 9.69 -10.88
C ASN B 153 -6.42 10.70 -10.45
N VAL B 154 -5.17 10.35 -10.75
CA VAL B 154 -4.03 11.22 -10.47
C VAL B 154 -3.39 11.63 -11.79
N PRO B 155 -2.94 12.87 -11.95
CA PRO B 155 -2.23 13.24 -13.19
C PRO B 155 -0.78 12.77 -13.18
N GLU B 156 -0.24 12.60 -14.37
CA GLU B 156 1.17 12.28 -14.55
C GLU B 156 1.75 13.17 -15.63
N HIS B 157 2.90 13.76 -15.33
CA HIS B 157 3.60 14.68 -16.24
C HIS B 157 4.93 14.08 -16.65
N PHE B 158 5.27 14.24 -17.93
CA PHE B 158 6.55 13.82 -18.46
C PHE B 158 7.11 14.93 -19.35
N ARG B 159 8.42 15.12 -19.31
CA ARG B 159 9.06 16.16 -20.09
C ARG B 159 10.47 15.70 -20.45
N ARG B 160 10.78 15.66 -21.74
CA ARG B 160 12.05 15.11 -22.17
C ARG B 160 12.57 15.87 -23.38
N PRO B 161 13.88 16.00 -23.54
CA PRO B 161 14.45 16.41 -24.83
C PRO B 161 14.58 15.23 -25.78
N PHE B 162 14.54 15.54 -27.08
CA PHE B 162 14.71 14.55 -28.11
C PHE B 162 15.54 15.13 -29.26
N ASN B 163 16.17 14.24 -30.00
CA ASN B 163 16.99 14.63 -31.16
C ASN B 163 16.99 13.45 -32.13
N ILE B 164 16.23 13.58 -33.22
CA ILE B 164 16.17 12.58 -34.28
C ILE B 164 16.73 13.22 -35.53
N GLY B 165 17.99 12.93 -35.83
CA GLY B 165 18.60 13.43 -37.05
C GLY B 165 18.50 14.92 -37.19
N LEU B 166 17.71 15.38 -38.16
CA LEU B 166 17.61 16.81 -38.43
C LEU B 166 16.78 17.53 -37.37
N TYR B 167 15.81 16.86 -36.77
CA TYR B 167 14.93 17.49 -35.80
C TYR B 167 15.47 17.36 -34.39
N LYS B 168 15.28 18.41 -33.59
CA LYS B 168 15.63 18.40 -32.18
C LYS B 168 14.64 19.28 -31.44
N GLY B 169 14.38 18.94 -30.19
CA GLY B 169 13.46 19.77 -29.40
C GLY B 169 13.03 19.11 -28.12
N THR B 170 11.84 19.49 -27.66
CA THR B 170 11.32 19.08 -26.36
C THR B 170 9.90 18.57 -26.48
N ILE B 171 9.57 17.57 -25.66
CA ILE B 171 8.24 17.01 -25.56
C ILE B 171 7.77 17.16 -24.12
N GLU B 172 6.50 17.51 -23.94
CA GLU B 172 5.90 17.68 -22.62
C GLU B 172 4.48 17.12 -22.66
N LEU B 173 4.24 16.03 -21.93
CA LEU B 173 2.95 15.36 -21.90
C LEU B 173 2.38 15.40 -20.49
N THR B 174 1.04 15.37 -20.42
CA THR B 174 0.30 15.27 -19.17
C THR B 174 -0.91 14.39 -19.41
N MET B 175 -1.02 13.30 -18.66
CA MET B 175 -2.06 12.31 -18.87
C MET B 175 -2.74 11.97 -17.56
N THR B 176 -3.96 11.43 -17.67
CA THR B 176 -4.66 10.90 -16.51
C THR B 176 -5.62 9.82 -16.97
N ILE B 177 -5.41 8.60 -16.49
CA ILE B 177 -6.28 7.46 -16.76
C ILE B 177 -6.87 7.01 -15.43
N TYR B 178 -8.13 6.58 -15.44
CA TYR B 178 -8.65 5.95 -14.24
C TYR B 178 -9.86 5.08 -14.56
N ASP B 179 -9.87 3.90 -13.96
CA ASP B 179 -10.92 2.90 -14.20
C ASP B 179 -12.29 3.45 -13.83
N ASP B 180 -13.31 2.96 -14.55
CA ASP B 180 -14.70 3.32 -14.30
C ASP B 180 -15.48 2.05 -13.96
N GLU B 181 -16.27 2.11 -12.90
CA GLU B 181 -17.07 0.99 -12.43
C GLU B 181 -18.55 1.15 -12.81
N SER B 182 -18.88 2.12 -13.66
CA SER B 182 -20.26 2.38 -14.01
C SER B 182 -20.79 1.31 -14.95
N LEU B 183 -22.04 1.50 -15.39
CA LEU B 183 -22.70 0.60 -16.33
C LEU B 183 -23.07 1.34 -17.61
N GLU B 184 -22.29 2.35 -17.97
CA GLU B 184 -22.48 3.08 -19.21
C GLU B 184 -21.99 2.25 -20.40
N ALA B 185 -22.36 2.69 -21.59
CA ALA B 185 -21.95 2.04 -22.83
C ALA B 185 -20.94 2.97 -23.51
N ALA B 186 -19.66 2.79 -23.18
CA ALA B 186 -18.62 3.64 -23.70
C ALA B 186 -18.13 3.17 -25.07
N PRO B 187 -17.52 4.05 -25.85
CA PRO B 187 -16.98 3.65 -27.15
C PRO B 187 -15.62 2.98 -27.02
N MET B 188 -15.21 2.31 -28.10
CA MET B 188 -13.89 1.74 -28.15
C MET B 188 -12.83 2.82 -28.31
N ILE B 189 -11.62 2.53 -27.81
CA ILE B 189 -10.53 3.50 -27.91
C ILE B 189 -10.13 3.69 -29.37
N TRP B 190 -10.15 2.62 -30.15
CA TRP B 190 -9.69 2.72 -31.54
C TRP B 190 -10.52 3.73 -32.33
N ASP B 191 -11.83 3.75 -32.12
CA ASP B 191 -12.71 4.67 -32.83
C ASP B 191 -12.31 6.12 -32.62
N HIS B 192 -11.62 6.44 -31.52
CA HIS B 192 -11.16 7.81 -31.26
C HIS B 192 -10.09 8.27 -32.23
N PHE B 193 -9.66 7.43 -33.17
CA PHE B 193 -8.75 7.85 -34.22
C PHE B 193 -9.54 8.44 -35.37
N ASN B 194 -9.03 9.53 -35.94
CA ASN B 194 -9.79 10.26 -36.95
C ASN B 194 -9.93 9.47 -38.24
N SER B 195 -8.91 8.69 -38.60
CA SER B 195 -8.84 7.85 -39.79
C SER B 195 -8.61 8.68 -41.05
N SER B 196 -8.56 10.01 -40.94
CA SER B 196 -8.31 10.89 -42.07
C SER B 196 -6.83 11.15 -42.30
N LYS B 197 -5.96 10.37 -41.67
CA LYS B 197 -4.52 10.61 -41.71
C LYS B 197 -3.82 9.31 -41.34
N PHE B 198 -2.56 9.21 -41.77
CA PHE B 198 -1.60 8.15 -41.47
C PHE B 198 -2.03 6.91 -42.25
N SER B 199 -1.20 5.87 -42.25
CA SER B 199 -1.44 4.72 -43.11
C SER B 199 -0.90 3.47 -42.43
N ASP B 200 -1.76 2.45 -42.32
CA ASP B 200 -1.42 1.17 -41.71
C ASP B 200 -1.43 1.30 -40.19
N PHE B 201 -1.87 0.25 -39.50
CA PHE B 201 -1.99 0.25 -38.05
C PHE B 201 -1.00 -0.68 -37.37
N ARG B 202 -0.38 -1.61 -38.10
CA ARG B 202 0.66 -2.44 -37.53
C ARG B 202 1.96 -1.67 -37.38
N GLU B 203 2.42 -1.04 -38.47
CA GLU B 203 3.70 -0.33 -38.46
C GLU B 203 3.70 0.79 -37.42
N LYS B 204 2.70 1.67 -37.48
CA LYS B 204 2.64 2.78 -36.54
C LYS B 204 2.48 2.27 -35.11
N ALA B 205 1.69 1.22 -34.92
CA ALA B 205 1.59 0.61 -33.59
C ALA B 205 2.95 0.12 -33.12
N LEU B 206 3.82 -0.28 -34.04
CA LEU B 206 5.15 -0.73 -33.66
C LEU B 206 6.07 0.45 -33.36
N MET B 207 5.91 1.56 -34.08
CA MET B 207 6.76 2.72 -33.88
C MET B 207 6.75 3.18 -32.42
N PHE B 208 5.65 2.95 -31.72
CA PHE B 208 5.55 3.31 -30.31
C PHE B 208 5.92 2.17 -29.37
N GLY B 209 6.19 0.98 -29.90
CA GLY B 209 6.49 -0.17 -29.06
C GLY B 209 5.22 -0.82 -28.56
N LEU B 210 4.33 -1.19 -29.47
CA LEU B 210 2.99 -1.65 -29.09
C LEU B 210 2.51 -2.63 -30.15
N ILE B 211 2.31 -3.89 -29.76
CA ILE B 211 1.91 -4.94 -30.69
C ILE B 211 0.43 -5.20 -30.52
N VAL B 212 -0.29 -5.22 -31.64
CA VAL B 212 -1.74 -5.33 -31.66
C VAL B 212 -2.14 -6.45 -32.61
N GLU B 213 -3.44 -6.65 -32.76
CA GLU B 213 -3.98 -7.71 -33.60
C GLU B 213 -5.19 -7.17 -34.36
N LYS B 214 -5.52 -7.85 -35.45
CA LYS B 214 -6.44 -7.35 -36.47
C LYS B 214 -7.64 -8.29 -36.65
N LYS B 215 -8.21 -8.75 -35.54
CA LYS B 215 -9.30 -9.72 -35.56
C LYS B 215 -10.29 -9.44 -36.70
N ALA B 216 -10.55 -10.48 -37.49
CA ALA B 216 -11.35 -10.31 -38.70
C ALA B 216 -12.77 -9.83 -38.38
N SER B 217 -13.40 -10.41 -37.38
CA SER B 217 -14.81 -10.14 -37.09
C SER B 217 -15.01 -8.98 -36.13
N GLY B 218 -13.96 -8.42 -35.57
CA GLY B 218 -14.09 -7.39 -34.55
C GLY B 218 -13.21 -6.19 -34.76
N ALA B 219 -12.52 -5.78 -33.70
CA ALA B 219 -11.62 -4.64 -33.73
C ALA B 219 -10.30 -5.02 -33.08
N TRP B 220 -9.39 -4.08 -32.93
CA TRP B 220 -8.02 -4.43 -32.58
C TRP B 220 -7.90 -4.74 -31.10
N VAL B 221 -7.20 -5.83 -30.79
CA VAL B 221 -6.88 -6.23 -29.42
C VAL B 221 -5.37 -6.27 -29.29
N LEU B 222 -4.87 -5.83 -28.14
CA LEU B 222 -3.43 -5.81 -27.93
C LEU B 222 -2.87 -7.22 -27.85
N ASP B 223 -1.56 -7.33 -28.08
CA ASP B 223 -0.80 -8.54 -27.83
C ASP B 223 0.20 -8.39 -26.70
N SER B 224 1.06 -7.38 -26.79
CA SER B 224 2.07 -7.11 -25.75
C SER B 224 2.77 -5.80 -26.08
N ILE B 225 3.66 -5.39 -25.19
CA ILE B 225 4.47 -4.19 -25.35
C ILE B 225 5.89 -4.64 -25.71
N SER B 226 6.32 -4.34 -26.93
CA SER B 226 7.68 -4.69 -27.34
C SER B 226 8.71 -3.94 -26.49
N HIS B 227 8.58 -2.62 -26.41
CA HIS B 227 9.52 -1.78 -25.66
C HIS B 227 10.94 -2.00 -26.16
N GLN C 58 -15.50 -20.31 -43.03
CA GLN C 58 -16.89 -20.68 -42.87
C GLN C 58 -17.81 -19.68 -43.57
N LEU C 59 -18.35 -20.08 -44.71
CA LEU C 59 -19.26 -19.22 -45.48
C LEU C 59 -20.62 -19.26 -44.79
N ARG C 60 -20.91 -18.23 -43.99
CA ARG C 60 -22.10 -18.19 -43.17
C ARG C 60 -23.12 -17.22 -43.77
N TYR C 61 -24.34 -17.70 -43.98
CA TYR C 61 -25.44 -16.91 -44.51
C TYR C 61 -26.29 -16.40 -43.35
N GLU C 62 -26.27 -15.09 -43.10
CA GLU C 62 -27.02 -14.50 -42.01
C GLU C 62 -28.16 -13.66 -42.57
N LYS C 63 -29.38 -13.92 -42.11
CA LYS C 63 -30.58 -13.22 -42.57
C LYS C 63 -30.94 -12.10 -41.60
N PHE C 64 -31.53 -11.04 -42.14
CA PHE C 64 -32.04 -9.95 -41.31
C PHE C 64 -32.97 -9.06 -42.11
N PHE C 65 -33.94 -8.49 -41.41
CA PHE C 65 -34.68 -7.35 -41.91
C PHE C 65 -33.90 -6.08 -41.61
N PHE C 66 -33.94 -5.13 -42.54
CA PHE C 66 -33.20 -3.88 -42.42
C PHE C 66 -34.09 -2.70 -42.80
N THR C 67 -33.92 -1.60 -42.07
CA THR C 67 -34.49 -0.31 -42.43
C THR C 67 -33.40 0.74 -42.27
N VAL C 68 -33.30 1.67 -43.22
CA VAL C 68 -32.25 2.68 -43.22
C VAL C 68 -32.83 4.00 -43.72
N LYS C 69 -32.51 5.08 -43.01
CA LYS C 69 -32.91 6.43 -43.38
C LYS C 69 -31.67 7.32 -43.26
N MET C 70 -31.23 7.90 -44.38
CA MET C 70 -30.01 8.67 -44.45
C MET C 70 -30.32 10.11 -44.81
N THR C 71 -29.64 11.05 -44.16
CA THR C 71 -29.83 12.46 -44.43
C THR C 71 -28.47 13.16 -44.37
N VAL C 72 -28.26 14.10 -45.29
CA VAL C 72 -27.03 14.87 -45.36
C VAL C 72 -27.38 16.36 -45.42
N ARG C 73 -26.69 17.16 -44.60
CA ARG C 73 -26.78 18.61 -44.65
C ARG C 73 -25.37 19.16 -44.82
N SER C 74 -25.23 20.23 -45.61
CA SER C 74 -23.95 20.89 -45.75
C SER C 74 -24.13 22.12 -46.62
N ASN C 75 -23.07 22.92 -46.72
CA ASN C 75 -22.95 23.92 -47.77
C ASN C 75 -22.18 23.32 -48.95
N ARG C 76 -21.92 24.13 -49.97
CA ARG C 76 -21.15 23.66 -51.12
C ARG C 76 -21.74 22.36 -51.65
N PRO C 77 -22.92 22.39 -52.28
CA PRO C 77 -23.63 21.14 -52.59
C PRO C 77 -22.78 20.18 -53.39
N PHE C 78 -22.92 18.90 -53.09
CA PHE C 78 -22.08 17.87 -53.66
C PHE C 78 -22.30 17.75 -55.17
N ARG C 79 -21.22 17.44 -55.88
CA ARG C 79 -21.22 17.22 -57.31
C ARG C 79 -20.91 15.77 -57.68
N THR C 80 -19.83 15.22 -57.13
CA THR C 80 -19.38 13.87 -57.46
C THR C 80 -19.72 12.91 -56.32
N TYR C 81 -20.13 11.69 -56.68
CA TYR C 81 -20.52 10.71 -55.68
C TYR C 81 -19.36 10.36 -54.75
N SER C 82 -18.12 10.50 -55.21
CA SER C 82 -16.97 10.11 -54.39
C SER C 82 -16.92 10.92 -53.11
N ASP C 83 -17.15 12.23 -53.19
CA ASP C 83 -17.13 13.07 -52.00
C ASP C 83 -18.22 12.66 -51.02
N VAL C 84 -19.43 12.36 -51.52
CA VAL C 84 -20.51 11.91 -50.66
C VAL C 84 -20.12 10.61 -49.96
N ALA C 85 -19.53 9.68 -50.72
CA ALA C 85 -19.14 8.40 -50.14
C ALA C 85 -18.07 8.60 -49.07
N ALA C 86 -17.10 9.48 -49.33
CA ALA C 86 -16.08 9.79 -48.32
C ALA C 86 -16.72 10.38 -47.08
N ALA C 87 -17.68 11.28 -47.25
CA ALA C 87 -18.34 11.91 -46.10
C ALA C 87 -19.07 10.88 -45.27
N VAL C 88 -19.80 9.97 -45.93
CA VAL C 88 -20.66 9.05 -45.19
C VAL C 88 -19.85 7.90 -44.59
N SER C 89 -18.68 7.57 -45.16
CA SER C 89 -17.94 6.40 -44.69
C SER C 89 -17.61 6.48 -43.21
N HIS C 90 -17.49 7.69 -42.65
CA HIS C 90 -17.11 7.89 -41.26
C HIS C 90 -18.31 8.23 -40.37
N TRP C 91 -19.50 7.72 -40.71
CA TRP C 91 -20.70 8.02 -39.94
C TRP C 91 -20.63 7.56 -38.49
N ASP C 92 -19.60 6.81 -38.10
CA ASP C 92 -19.52 6.14 -36.81
C ASP C 92 -18.23 6.52 -36.09
N HIS C 93 -17.92 7.82 -36.07
CA HIS C 93 -16.68 8.30 -35.48
C HIS C 93 -16.48 7.75 -34.07
N MET C 94 -17.49 7.87 -33.21
CA MET C 94 -17.43 7.39 -31.84
C MET C 94 -18.64 6.49 -31.60
N TYR C 95 -18.48 5.21 -31.91
CA TYR C 95 -19.57 4.25 -31.80
C TYR C 95 -19.75 3.79 -30.35
N ILE C 96 -20.97 3.90 -29.85
CA ILE C 96 -21.32 3.38 -28.53
C ILE C 96 -22.53 2.47 -28.65
N GLY C 97 -22.77 1.93 -29.84
CA GLY C 97 -23.86 1.00 -30.07
C GLY C 97 -23.47 -0.42 -29.69
N MET C 98 -24.31 -1.36 -30.11
CA MET C 98 -24.03 -2.77 -29.89
C MET C 98 -22.70 -3.15 -30.55
N ALA C 99 -21.83 -3.79 -29.78
CA ALA C 99 -20.53 -4.18 -30.29
C ALA C 99 -20.65 -5.13 -31.47
N GLY C 100 -21.53 -6.14 -31.34
CA GLY C 100 -21.66 -7.15 -32.37
C GLY C 100 -22.31 -6.70 -33.65
N LYS C 101 -22.90 -5.50 -33.67
CA LYS C 101 -23.65 -5.02 -34.83
C LYS C 101 -22.85 -4.05 -35.68
N ARG C 102 -21.59 -3.80 -35.35
CA ARG C 102 -20.81 -2.81 -36.08
C ARG C 102 -20.65 -3.16 -37.56
N PRO C 103 -20.19 -4.36 -37.95
CA PRO C 103 -19.92 -4.58 -39.37
C PRO C 103 -21.17 -4.51 -40.25
N PHE C 104 -22.27 -5.12 -39.81
CA PHE C 104 -23.45 -5.18 -40.67
C PHE C 104 -23.97 -3.78 -40.96
N TYR C 105 -24.00 -2.91 -39.93
CA TYR C 105 -24.44 -1.54 -40.17
C TYR C 105 -23.62 -0.90 -41.28
N LYS C 106 -22.31 -1.17 -41.30
CA LYS C 106 -21.48 -0.60 -42.35
C LYS C 106 -21.96 -1.07 -43.72
N ILE C 107 -22.25 -2.37 -43.86
CA ILE C 107 -22.81 -2.87 -45.10
C ILE C 107 -24.09 -2.10 -45.41
N LEU C 108 -24.95 -1.90 -44.41
CA LEU C 108 -26.18 -1.18 -44.68
C LEU C 108 -25.89 0.27 -45.03
N ALA C 109 -24.85 0.84 -44.44
CA ALA C 109 -24.48 2.20 -44.83
C ALA C 109 -24.13 2.22 -46.32
N PHE C 110 -23.45 1.18 -46.80
CA PHE C 110 -23.18 1.06 -48.22
C PHE C 110 -24.48 1.21 -49.01
N LEU C 111 -25.52 0.49 -48.60
CA LEU C 111 -26.80 0.60 -49.28
C LEU C 111 -27.27 2.05 -49.30
N GLY C 112 -27.22 2.72 -48.14
CA GLY C 112 -27.65 4.09 -48.10
C GLY C 112 -26.87 4.96 -49.06
N SER C 113 -25.58 4.68 -49.21
CA SER C 113 -24.77 5.50 -50.12
C SER C 113 -25.31 5.41 -51.53
N SER C 114 -25.69 4.20 -51.97
CA SER C 114 -26.20 4.04 -53.32
C SER C 114 -27.49 4.81 -53.55
N ASN C 115 -28.20 5.19 -52.49
CA ASN C 115 -29.56 5.72 -52.61
C ASN C 115 -29.66 7.19 -52.22
N LEU C 116 -28.65 7.99 -52.53
CA LEU C 116 -28.72 9.41 -52.21
C LEU C 116 -29.76 10.10 -53.10
N LYS C 117 -30.60 10.92 -52.48
CA LYS C 117 -31.69 11.59 -53.19
C LYS C 117 -31.66 13.09 -52.89
N ALA C 118 -32.21 13.86 -53.81
CA ALA C 118 -32.43 15.29 -53.60
C ALA C 118 -33.88 15.53 -53.18
N THR C 119 -34.15 16.76 -52.78
CA THR C 119 -35.47 17.19 -52.36
C THR C 119 -35.79 18.54 -52.99
N PRO C 120 -37.06 18.94 -53.02
CA PRO C 120 -37.39 20.28 -53.54
C PRO C 120 -36.71 21.40 -52.77
N ALA C 121 -36.18 21.14 -51.57
CA ALA C 121 -35.41 22.15 -50.86
C ALA C 121 -34.22 22.60 -51.69
N VAL C 122 -33.51 21.65 -52.31
CA VAL C 122 -32.40 21.99 -53.20
C VAL C 122 -32.92 22.81 -54.38
N LEU C 123 -34.03 22.38 -54.99
CA LEU C 123 -34.60 23.10 -56.11
C LEU C 123 -35.03 24.51 -55.73
N ALA C 124 -35.25 24.76 -54.44
CA ALA C 124 -35.70 26.07 -53.98
C ALA C 124 -34.54 27.04 -53.73
N ASP C 125 -33.35 26.53 -53.46
CA ASP C 125 -32.19 27.37 -53.23
C ASP C 125 -30.94 26.50 -53.23
N GLN C 126 -29.85 27.03 -53.79
CA GLN C 126 -28.59 26.31 -53.89
C GLN C 126 -27.67 26.56 -52.69
N GLY C 127 -28.04 27.45 -51.78
CA GLY C 127 -27.23 27.76 -50.63
C GLY C 127 -27.58 27.01 -49.37
N GLN C 128 -28.53 26.07 -49.43
CA GLN C 128 -28.83 25.15 -48.35
C GLN C 128 -28.87 23.74 -48.92
N PRO C 129 -27.71 23.14 -49.20
CA PRO C 129 -27.71 21.77 -49.70
C PRO C 129 -28.33 20.81 -48.70
N GLU C 130 -28.99 19.78 -49.23
CA GLU C 130 -29.71 18.83 -48.39
C GLU C 130 -30.03 17.59 -49.24
N TYR C 131 -29.71 16.41 -48.69
CA TYR C 131 -30.01 15.16 -49.37
C TYR C 131 -30.74 14.22 -48.41
N HIS C 132 -31.67 13.44 -48.97
CA HIS C 132 -32.42 12.43 -48.25
C HIS C 132 -32.20 11.07 -48.90
N ALA C 133 -32.58 10.03 -48.17
CA ALA C 133 -32.53 8.67 -48.71
C ALA C 133 -33.22 7.73 -47.72
N HIS C 134 -33.83 6.68 -48.27
CA HIS C 134 -34.56 5.71 -47.46
C HIS C 134 -34.60 4.38 -48.18
N CYS C 135 -34.37 3.30 -47.44
CA CYS C 135 -34.52 1.95 -47.97
C CYS C 135 -34.94 1.02 -46.86
N GLU C 136 -35.48 -0.14 -47.25
CA GLU C 136 -35.97 -1.10 -46.26
C GLU C 136 -36.28 -2.42 -46.97
N GLY C 137 -36.25 -3.49 -46.19
CA GLY C 137 -36.75 -4.77 -46.67
C GLY C 137 -36.12 -5.93 -45.90
N ARG C 138 -36.08 -7.08 -46.57
CA ARG C 138 -35.54 -8.33 -46.04
C ARG C 138 -34.35 -8.74 -46.89
N ALA C 139 -33.32 -9.28 -46.26
CA ALA C 139 -32.14 -9.70 -47.02
C ALA C 139 -31.33 -10.68 -46.19
N TYR C 140 -30.36 -11.31 -46.85
CA TYR C 140 -29.40 -12.17 -46.16
C TYR C 140 -28.04 -12.00 -46.82
N LEU C 141 -27.00 -12.14 -46.00
CA LEU C 141 -25.64 -11.77 -46.37
C LEU C 141 -24.71 -12.96 -46.17
N PRO C 142 -23.94 -13.35 -47.19
CA PRO C 142 -22.82 -14.26 -46.96
C PRO C 142 -21.64 -13.52 -46.33
N HIS C 143 -21.06 -14.12 -45.30
CA HIS C 143 -19.95 -13.50 -44.58
C HIS C 143 -19.04 -14.57 -44.02
N ARG C 144 -17.79 -14.19 -43.78
CA ARG C 144 -16.77 -15.08 -43.21
C ARG C 144 -16.23 -14.54 -41.90
N MET C 145 -17.08 -13.87 -41.13
CA MET C 145 -16.75 -13.39 -39.79
C MET C 145 -17.00 -14.44 -38.72
N GLY C 146 -17.51 -15.60 -39.08
CA GLY C 146 -17.84 -16.64 -38.12
C GLY C 146 -19.29 -16.59 -37.69
N LYS C 147 -19.53 -16.38 -36.41
CA LYS C 147 -20.88 -16.39 -35.84
C LYS C 147 -21.19 -15.03 -35.23
N THR C 148 -22.41 -14.55 -35.49
CA THR C 148 -22.86 -13.27 -34.94
C THR C 148 -23.73 -13.49 -33.71
N PRO C 149 -23.67 -12.62 -32.70
CA PRO C 149 -24.55 -12.79 -31.53
C PRO C 149 -26.01 -12.57 -31.91
N PRO C 150 -26.93 -12.87 -30.99
CA PRO C 150 -28.34 -12.54 -31.24
C PRO C 150 -28.54 -11.04 -31.39
N MET C 151 -29.48 -10.67 -32.26
CA MET C 151 -29.78 -9.27 -32.55
C MET C 151 -31.24 -8.98 -32.21
N LEU C 152 -31.48 -7.77 -31.73
CA LEU C 152 -32.81 -7.31 -31.31
C LEU C 152 -33.36 -6.32 -32.32
N ASN C 153 -34.66 -6.08 -32.21
CA ASN C 153 -35.38 -5.14 -33.08
C ASN C 153 -35.69 -3.89 -32.27
N VAL C 154 -34.79 -2.91 -32.35
CA VAL C 154 -34.99 -1.60 -31.73
C VAL C 154 -34.35 -0.56 -32.63
N PRO C 155 -34.93 0.63 -32.78
CA PRO C 155 -34.31 1.63 -33.66
C PRO C 155 -33.02 2.18 -33.07
N GLU C 156 -32.16 2.67 -33.95
CA GLU C 156 -30.90 3.30 -33.56
C GLU C 156 -30.69 4.52 -34.45
N HIS C 157 -30.09 5.56 -33.88
CA HIS C 157 -29.95 6.84 -34.56
C HIS C 157 -28.59 7.43 -34.26
N PHE C 158 -28.05 8.13 -35.26
CA PHE C 158 -26.74 8.76 -35.13
C PHE C 158 -26.76 10.07 -35.91
N ARG C 159 -26.11 11.10 -35.36
CA ARG C 159 -25.89 12.35 -36.07
C ARG C 159 -24.48 12.82 -35.77
N ARG C 160 -23.69 13.06 -36.82
CA ARG C 160 -22.29 13.40 -36.66
C ARG C 160 -21.91 14.53 -37.60
N PRO C 161 -20.87 15.30 -37.27
CA PRO C 161 -20.37 16.28 -38.23
C PRO C 161 -19.30 15.68 -39.13
N PHE C 162 -19.40 16.00 -40.42
CA PHE C 162 -18.48 15.50 -41.44
C PHE C 162 -17.65 16.66 -41.98
N ASN C 163 -16.35 16.41 -42.11
CA ASN C 163 -15.37 17.45 -42.43
C ASN C 163 -14.32 16.84 -43.36
N ILE C 164 -14.49 17.06 -44.67
CA ILE C 164 -13.51 16.65 -45.66
C ILE C 164 -12.86 17.86 -46.32
N GLY C 165 -12.93 19.03 -45.69
CA GLY C 165 -12.38 20.22 -46.30
C GLY C 165 -13.38 20.92 -47.19
N LEU C 166 -13.26 20.70 -48.50
CA LEU C 166 -14.20 21.30 -49.46
C LEU C 166 -15.64 21.17 -49.00
N TYR C 167 -15.98 20.05 -48.37
CA TYR C 167 -17.33 19.80 -47.89
C TYR C 167 -17.32 19.73 -46.37
N LYS C 168 -18.26 20.43 -45.74
CA LYS C 168 -18.43 20.42 -44.30
C LYS C 168 -19.91 20.44 -43.98
N GLY C 169 -20.30 19.65 -42.99
CA GLY C 169 -21.72 19.62 -42.62
C GLY C 169 -22.02 18.55 -41.60
N THR C 170 -23.22 17.99 -41.71
CA THR C 170 -23.72 16.98 -40.79
C THR C 170 -24.32 15.82 -41.57
N ILE C 171 -24.22 14.63 -40.99
CA ILE C 171 -24.78 13.41 -41.56
C ILE C 171 -25.58 12.71 -40.48
N GLU C 172 -26.79 12.28 -40.82
CA GLU C 172 -27.69 11.63 -39.89
C GLU C 172 -28.11 10.28 -40.48
N LEU C 173 -28.05 9.23 -39.65
CA LEU C 173 -28.40 7.88 -40.07
C LEU C 173 -29.30 7.26 -39.01
N THR C 174 -30.47 6.80 -39.44
CA THR C 174 -31.40 6.05 -38.59
C THR C 174 -31.50 4.64 -39.14
N MET C 175 -31.02 3.67 -38.39
CA MET C 175 -30.96 2.28 -38.83
C MET C 175 -31.76 1.40 -37.89
N THR C 176 -32.26 0.30 -38.43
CA THR C 176 -32.91 -0.73 -37.62
C THR C 176 -32.70 -2.06 -38.32
N ILE C 177 -31.79 -2.87 -37.80
CA ILE C 177 -31.46 -4.18 -38.35
C ILE C 177 -31.81 -5.23 -37.30
N TYR C 178 -32.56 -6.25 -37.70
CA TYR C 178 -33.01 -7.24 -36.73
C TYR C 178 -33.22 -8.59 -37.39
N ASP C 179 -33.32 -9.62 -36.54
CA ASP C 179 -33.38 -11.00 -36.99
C ASP C 179 -34.67 -11.28 -37.74
N ASP C 180 -34.61 -12.26 -38.64
CA ASP C 180 -35.77 -12.79 -39.36
C ASP C 180 -35.88 -14.26 -38.98
N GLU C 181 -36.67 -14.54 -37.93
CA GLU C 181 -36.82 -15.91 -37.48
C GLU C 181 -37.70 -16.75 -38.42
N SER C 182 -38.21 -16.16 -39.49
CA SER C 182 -38.93 -16.95 -40.49
C SER C 182 -37.96 -17.89 -41.20
N LEU C 183 -38.51 -18.99 -41.72
CA LEU C 183 -37.71 -20.06 -42.30
C LEU C 183 -37.66 -20.03 -43.82
N GLU C 184 -38.20 -18.99 -44.45
CA GLU C 184 -38.26 -18.94 -45.89
C GLU C 184 -36.94 -18.44 -46.48
N ALA C 185 -36.66 -18.88 -47.71
CA ALA C 185 -35.51 -18.39 -48.45
C ALA C 185 -35.72 -16.95 -48.91
N ALA C 186 -34.63 -16.22 -49.05
CA ALA C 186 -34.66 -14.84 -49.52
C ALA C 186 -33.51 -14.63 -50.49
N PRO C 187 -33.61 -13.64 -51.37
CA PRO C 187 -32.52 -13.40 -52.33
C PRO C 187 -31.28 -12.87 -51.63
N MET C 188 -30.22 -12.73 -52.42
CA MET C 188 -28.96 -12.25 -51.89
C MET C 188 -29.08 -10.78 -51.50
N ILE C 189 -28.40 -10.39 -50.41
CA ILE C 189 -28.35 -8.98 -50.06
C ILE C 189 -27.49 -8.21 -51.04
N TRP C 190 -26.45 -8.85 -51.58
CA TRP C 190 -25.52 -8.15 -52.46
C TRP C 190 -26.15 -7.87 -53.82
N ASP C 191 -26.94 -8.82 -54.32
CA ASP C 191 -27.68 -8.62 -55.57
C ASP C 191 -29.08 -8.09 -55.28
N HIS C 192 -29.12 -6.95 -54.60
CA HIS C 192 -30.37 -6.27 -54.26
C HIS C 192 -30.43 -4.84 -54.74
N PHE C 193 -29.30 -4.18 -54.97
CA PHE C 193 -29.28 -2.81 -55.45
C PHE C 193 -29.53 -2.78 -56.95
N ASN C 194 -29.72 -1.58 -57.47
CA ASN C 194 -29.73 -1.35 -58.91
C ASN C 194 -28.48 -0.64 -59.40
N SER C 195 -27.56 -0.31 -58.50
CA SER C 195 -26.29 0.32 -58.86
C SER C 195 -25.18 -0.73 -58.98
N SER C 196 -25.33 -1.61 -59.96
CA SER C 196 -24.33 -2.64 -60.20
C SER C 196 -23.00 -2.05 -60.67
N LYS C 197 -23.01 -0.79 -61.11
CA LYS C 197 -21.82 -0.10 -61.62
C LYS C 197 -20.91 -0.98 -62.46
N PHE C 198 -19.72 -1.30 -61.95
CA PHE C 198 -18.67 -1.91 -62.76
C PHE C 198 -17.83 -2.82 -61.89
N SER C 199 -16.67 -3.22 -62.41
CA SER C 199 -15.80 -4.19 -61.74
C SER C 199 -15.02 -3.59 -60.57
N ASP C 200 -15.08 -2.27 -60.38
CA ASP C 200 -14.41 -1.62 -59.26
C ASP C 200 -15.33 -1.50 -58.04
N PHE C 201 -16.35 -2.36 -57.95
CA PHE C 201 -17.21 -2.40 -56.77
C PHE C 201 -16.38 -2.62 -55.51
N ARG C 202 -15.33 -3.43 -55.61
CA ARG C 202 -14.46 -3.66 -54.47
C ARG C 202 -13.72 -2.38 -54.07
N GLU C 203 -13.35 -1.56 -55.06
CA GLU C 203 -12.67 -0.31 -54.74
C GLU C 203 -13.57 0.60 -53.93
N LYS C 204 -14.84 0.71 -54.31
CA LYS C 204 -15.79 1.48 -53.52
C LYS C 204 -15.92 0.92 -52.11
N ALA C 205 -16.07 -0.41 -52.01
CA ALA C 205 -16.22 -1.03 -50.70
C ALA C 205 -15.02 -0.72 -49.81
N LEU C 206 -13.81 -0.85 -50.36
CA LEU C 206 -12.60 -0.53 -49.61
C LEU C 206 -12.56 0.94 -49.23
N MET C 207 -12.96 1.82 -50.16
CA MET C 207 -12.98 3.25 -49.85
C MET C 207 -13.85 3.53 -48.64
N PHE C 208 -14.99 2.83 -48.53
CA PHE C 208 -15.69 2.81 -47.25
C PHE C 208 -14.85 2.10 -46.19
N GLY C 209 -14.18 1.01 -46.56
CA GLY C 209 -13.38 0.26 -45.62
C GLY C 209 -13.88 -1.16 -45.45
N LEU C 210 -14.51 -1.70 -46.49
CA LEU C 210 -15.01 -3.07 -46.48
C LEU C 210 -14.31 -3.84 -47.58
N ILE C 211 -13.69 -4.95 -47.20
CA ILE C 211 -12.96 -5.81 -48.13
C ILE C 211 -13.92 -6.86 -48.65
N VAL C 212 -14.06 -6.94 -49.97
CA VAL C 212 -14.97 -7.90 -50.60
C VAL C 212 -14.20 -8.66 -51.67
N GLU C 213 -14.86 -9.67 -52.22
CA GLU C 213 -14.22 -10.64 -53.11
C GLU C 213 -14.73 -10.48 -54.54
N LYS C 214 -13.80 -10.55 -55.50
CA LYS C 214 -14.13 -10.63 -56.92
C LYS C 214 -13.58 -11.92 -57.52
N LYS C 215 -13.48 -12.97 -56.68
CA LYS C 215 -12.91 -14.23 -57.10
C LYS C 215 -13.95 -15.06 -57.86
N ALA C 216 -13.62 -16.31 -58.14
CA ALA C 216 -14.58 -17.22 -58.79
C ALA C 216 -15.83 -17.44 -57.98
N SER C 217 -15.88 -16.98 -56.72
CA SER C 217 -17.08 -17.16 -55.90
C SER C 217 -18.31 -16.57 -56.58
N GLY C 218 -18.13 -15.52 -57.37
CA GLY C 218 -19.23 -14.92 -58.11
C GLY C 218 -20.01 -13.86 -57.36
N ALA C 219 -19.70 -13.63 -56.08
CA ALA C 219 -20.40 -12.61 -55.30
C ALA C 219 -19.41 -11.65 -54.67
N TRP C 220 -19.90 -10.74 -53.83
CA TRP C 220 -19.11 -9.69 -53.22
C TRP C 220 -19.07 -9.83 -51.70
N VAL C 221 -18.93 -11.07 -51.22
CA VAL C 221 -19.00 -11.37 -49.79
C VAL C 221 -18.10 -10.43 -49.01
N LEU C 222 -18.61 -9.97 -47.86
CA LEU C 222 -17.79 -9.20 -46.93
C LEU C 222 -16.64 -10.06 -46.44
N ASP C 223 -15.48 -9.43 -46.23
CA ASP C 223 -14.29 -10.16 -45.84
C ASP C 223 -13.75 -9.81 -44.46
N SER C 224 -13.54 -8.53 -44.15
CA SER C 224 -12.62 -8.22 -43.06
C SER C 224 -12.81 -6.80 -42.53
N ILE C 225 -11.97 -6.49 -41.53
CA ILE C 225 -11.81 -5.22 -40.82
C ILE C 225 -10.33 -4.91 -41.04
N SER C 226 -9.81 -3.82 -40.47
CA SER C 226 -8.95 -2.85 -41.15
C SER C 226 -9.75 -1.91 -42.01
N HIS C 227 -11.05 -1.80 -41.73
CA HIS C 227 -11.85 -0.67 -42.18
C HIS C 227 -11.21 0.67 -41.83
N PHE C 228 -10.31 0.70 -40.85
CA PHE C 228 -9.47 1.87 -40.61
C PHE C 228 -8.24 1.79 -41.50
N LYS C 229 -7.83 2.93 -42.04
CA LYS C 229 -6.68 2.99 -42.94
C LYS C 229 -5.98 4.34 -42.85
N SER D 2 17.89 -21.81 45.52
CA SER D 2 16.44 -21.76 45.45
C SER D 2 15.84 -21.92 46.84
N VAL D 3 14.68 -21.30 47.06
CA VAL D 3 13.98 -21.34 48.33
C VAL D 3 12.50 -21.17 48.05
N THR D 4 11.67 -21.72 48.94
CA THR D 4 10.22 -21.69 48.76
C THR D 4 9.62 -20.52 49.51
N VAL D 5 8.68 -19.84 48.86
CA VAL D 5 7.97 -18.70 49.44
C VAL D 5 6.48 -18.92 49.17
N LYS D 6 5.73 -19.22 50.22
CA LYS D 6 4.32 -19.55 50.10
C LYS D 6 3.46 -18.35 50.48
N ARG D 7 2.38 -18.14 49.72
CA ARG D 7 1.47 -17.05 50.02
C ARG D 7 0.85 -17.27 51.40
N ILE D 8 1.00 -16.27 52.28
CA ILE D 8 0.58 -16.44 53.67
C ILE D 8 -0.90 -16.75 53.75
N ILE D 9 -1.73 -16.00 53.03
CA ILE D 9 -3.17 -16.12 53.18
C ILE D 9 -3.67 -17.48 52.68
N ASP D 10 -3.03 -18.02 51.64
CA ASP D 10 -3.51 -19.25 51.01
C ASP D 10 -2.58 -20.44 51.19
N ASN D 11 -1.29 -20.21 51.41
CA ASN D 11 -0.27 -21.25 51.61
C ASN D 11 0.13 -21.89 50.28
N THR D 12 -0.30 -21.34 49.15
CA THR D 12 0.08 -21.90 47.86
C THR D 12 1.57 -21.67 47.61
N VAL D 13 2.09 -22.30 46.56
CA VAL D 13 3.51 -22.28 46.25
C VAL D 13 3.75 -21.38 45.05
N ILE D 14 4.80 -20.56 45.14
CA ILE D 14 5.28 -19.76 44.03
C ILE D 14 6.80 -19.70 44.09
N VAL D 15 7.42 -19.39 42.95
CA VAL D 15 8.87 -19.32 42.87
C VAL D 15 9.28 -18.10 42.04
N PRO D 16 9.68 -17.00 42.66
CA PRO D 16 10.09 -15.82 41.88
C PRO D 16 11.29 -16.11 41.00
N LYS D 17 11.09 -16.01 39.69
CA LYS D 17 12.19 -16.04 38.74
C LYS D 17 12.66 -14.60 38.49
N LEU D 18 13.53 -14.40 37.51
CA LEU D 18 14.09 -13.10 37.22
C LEU D 18 13.76 -12.67 35.79
N PRO D 19 13.81 -11.36 35.50
CA PRO D 19 13.49 -10.92 34.14
C PRO D 19 14.42 -11.48 33.08
N ALA D 20 15.71 -11.62 33.39
CA ALA D 20 16.70 -12.09 32.42
C ALA D 20 16.74 -11.18 31.21
N ASN D 21 16.68 -9.87 31.44
CA ASN D 21 16.81 -8.89 30.37
C ASN D 21 18.27 -8.69 29.96
N GLU D 22 19.22 -9.14 30.78
CA GLU D 22 20.62 -9.14 30.40
C GLU D 22 21.00 -10.51 29.82
N ASP D 23 22.26 -10.68 29.49
CA ASP D 23 22.69 -11.89 28.80
C ASP D 23 23.15 -12.95 29.79
N PRO D 24 23.19 -14.21 29.37
CA PRO D 24 23.83 -15.25 30.18
C PRO D 24 25.33 -15.30 29.91
N VAL D 25 26.03 -16.14 30.66
CA VAL D 25 27.44 -16.38 30.46
C VAL D 25 27.64 -17.77 29.87
N GLU D 26 28.84 -18.02 29.37
CA GLU D 26 29.16 -19.30 28.75
C GLU D 26 30.66 -19.52 28.86
N TYR D 27 31.08 -20.53 29.61
CA TYR D 27 32.49 -20.76 29.82
C TYR D 27 33.13 -21.37 28.57
N PRO D 28 34.45 -21.28 28.44
CA PRO D 28 35.11 -21.83 27.24
C PRO D 28 34.88 -23.32 27.05
N ALA D 29 34.69 -24.07 28.14
CA ALA D 29 34.68 -25.52 28.04
C ALA D 29 33.69 -26.01 26.99
N ASP D 30 32.47 -25.47 27.01
CA ASP D 30 31.44 -25.93 26.08
C ASP D 30 31.95 -25.89 24.64
N TYR D 31 32.64 -24.82 24.27
CA TYR D 31 33.06 -24.69 22.88
C TYR D 31 34.08 -25.76 22.51
N PHE D 32 34.94 -26.14 23.45
CA PHE D 32 35.88 -27.22 23.24
C PHE D 32 35.33 -28.57 23.69
N ARG D 33 34.05 -28.64 24.08
CA ARG D 33 33.46 -29.88 24.56
C ARG D 33 32.38 -30.44 23.64
N LYS D 34 31.86 -29.65 22.70
CA LYS D 34 30.81 -30.10 21.80
C LYS D 34 31.21 -30.05 20.32
N SER D 35 32.05 -29.10 19.91
CA SER D 35 32.46 -29.00 18.53
C SER D 35 33.91 -28.53 18.42
N ALA E 335 -14.78 6.43 55.49
CA ALA E 335 -13.83 6.57 54.40
C ALA E 335 -12.59 7.32 54.84
N TYR E 336 -12.72 8.10 55.92
CA TYR E 336 -11.57 8.84 56.45
C TYR E 336 -10.44 7.92 56.90
N ALA E 337 -10.75 6.67 57.20
CA ALA E 337 -9.71 5.78 57.72
C ALA E 337 -8.69 5.43 56.64
N VAL E 338 -9.15 5.21 55.40
CA VAL E 338 -8.25 4.70 54.36
C VAL E 338 -7.08 5.64 54.14
N GLY E 339 -7.29 6.94 54.32
CA GLY E 339 -6.21 7.90 54.17
C GLY E 339 -5.35 8.12 55.40
N SER E 340 -5.63 7.42 56.49
CA SER E 340 -4.87 7.56 57.74
C SER E 340 -4.11 6.29 58.09
N SER E 341 -4.75 5.14 58.07
CA SER E 341 -4.17 3.87 58.51
C SER E 341 -4.02 2.95 57.30
N ALA E 342 -2.87 3.06 56.64
CA ALA E 342 -2.57 2.14 55.54
C ALA E 342 -2.48 0.72 56.08
N ASP E 343 -2.76 -0.25 55.22
CA ASP E 343 -2.74 -1.66 55.61
C ASP E 343 -1.34 -2.21 55.38
N LEU E 344 -0.56 -2.27 56.46
CA LEU E 344 0.79 -2.83 56.44
C LEU E 344 0.82 -4.11 57.27
N ALA E 345 1.38 -5.17 56.69
CA ALA E 345 1.52 -6.46 57.36
C ALA E 345 2.36 -7.33 56.42
N GLN E 346 2.67 -8.55 56.88
CA GLN E 346 3.48 -9.43 56.07
C GLN E 346 2.62 -10.10 55.01
N GLN E 347 3.15 -10.17 53.79
CA GLN E 347 2.41 -10.68 52.64
C GLN E 347 2.93 -12.01 52.14
N PHE E 348 4.23 -12.11 51.85
CA PHE E 348 4.87 -13.35 51.45
C PHE E 348 5.84 -13.77 52.54
N CYS E 349 5.77 -15.05 52.93
CA CYS E 349 6.56 -15.58 54.02
C CYS E 349 7.53 -16.62 53.50
N VAL E 350 8.79 -16.53 53.92
CA VAL E 350 9.75 -17.60 53.70
C VAL E 350 9.31 -18.73 54.60
N GLY E 351 9.85 -19.93 54.38
CA GLY E 351 9.30 -21.12 55.00
C GLY E 351 9.10 -21.02 56.50
N ASP E 352 7.83 -21.04 56.92
CA ASP E 352 7.46 -21.09 58.33
C ASP E 352 8.12 -19.97 59.14
N ASN E 353 8.13 -18.76 58.57
CA ASN E 353 8.65 -17.60 59.29
C ASN E 353 7.72 -16.40 59.17
N LYS E 354 6.42 -16.63 58.99
CA LYS E 354 5.46 -15.54 58.92
C LYS E 354 5.42 -14.78 60.24
N TYR E 355 5.63 -13.47 60.17
CA TYR E 355 5.49 -12.64 61.35
C TYR E 355 4.05 -12.67 61.84
N THR E 356 3.88 -12.75 63.17
CA THR E 356 2.55 -12.76 63.75
C THR E 356 2.26 -11.44 64.44
N PRO E 357 1.08 -10.85 64.27
CA PRO E 357 0.78 -9.59 64.97
C PRO E 357 0.82 -9.77 66.47
N ASP E 358 1.73 -9.04 67.11
CA ASP E 358 1.83 -9.01 68.57
C ASP E 358 1.04 -7.80 69.07
N ASP E 359 -0.29 -7.97 69.12
CA ASP E 359 -1.20 -6.90 69.52
C ASP E 359 -2.30 -7.52 70.37
N SER E 360 -2.10 -7.49 71.69
CA SER E 360 -3.13 -7.89 72.65
C SER E 360 -3.30 -6.90 73.79
N THR E 361 -2.39 -5.93 73.94
CA THR E 361 -2.46 -4.98 75.04
C THR E 361 -3.56 -3.97 74.77
N GLY E 362 -4.55 -3.92 75.66
CA GLY E 362 -5.70 -3.06 75.48
C GLY E 362 -5.47 -1.60 75.77
N GLY E 363 -4.30 -1.24 76.29
CA GLY E 363 -4.02 0.14 76.64
C GLY E 363 -3.48 0.94 75.47
N LEU E 364 -4.34 1.76 74.86
CA LEU E 364 -3.95 2.66 73.78
C LEU E 364 -3.78 4.11 74.22
N THR E 365 -4.73 4.70 74.96
CA THR E 365 -6.03 4.12 75.36
C THR E 365 -7.16 5.12 75.16
N THR E 366 -6.84 6.27 74.55
CA THR E 366 -7.82 7.32 74.33
C THR E 366 -8.55 7.07 73.01
N ASN E 367 -9.34 8.05 72.57
CA ASN E 367 -10.09 7.97 71.33
C ASN E 367 -9.25 8.27 70.10
N ALA E 368 -7.92 8.30 70.24
CA ALA E 368 -7.02 8.55 69.12
C ALA E 368 -7.37 7.63 67.96
N PRO E 369 -7.07 8.01 66.72
CA PRO E 369 -7.54 7.24 65.56
C PRO E 369 -7.12 5.79 65.65
N PRO E 370 -8.06 4.85 65.60
CA PRO E 370 -7.69 3.44 65.49
C PRO E 370 -7.32 3.09 64.06
N GLN E 371 -6.58 1.99 63.92
CA GLN E 371 -6.04 1.58 62.64
C GLN E 371 -6.84 0.40 62.08
N GLY E 372 -6.40 -0.09 60.93
CA GLY E 372 -7.11 -1.12 60.20
C GLY E 372 -7.91 -0.53 59.04
N ARG E 373 -8.64 -1.42 58.37
CA ARG E 373 -9.51 -1.01 57.28
C ARG E 373 -10.59 -2.06 57.02
N LYS F 43 -0.03 23.39 -47.22
CA LYS F 43 -0.22 22.00 -47.60
C LYS F 43 1.11 21.25 -47.62
N SER F 44 2.21 22.00 -47.72
CA SER F 44 3.53 21.38 -47.79
C SER F 44 3.91 20.66 -46.51
N TYR F 45 3.24 20.96 -45.40
CA TYR F 45 3.54 20.36 -44.11
C TYR F 45 2.34 19.58 -43.59
N PHE F 46 2.49 19.03 -42.39
CA PHE F 46 1.42 18.36 -41.68
C PHE F 46 1.00 19.21 -40.48
N GLY F 47 -0.29 19.15 -40.16
CA GLY F 47 -0.77 19.69 -38.91
C GLY F 47 -0.93 21.20 -38.88
N VAL F 48 -0.78 21.88 -40.01
CA VAL F 48 -0.77 23.34 -40.04
C VAL F 48 -2.23 23.76 -40.18
N ASP F 49 -2.89 23.86 -39.03
CA ASP F 49 -4.35 23.90 -38.89
C ASP F 49 -5.07 22.97 -39.88
N GLU F 50 -6.35 22.71 -39.59
CA GLU F 50 -7.21 21.95 -40.48
C GLU F 50 -8.55 22.68 -40.56
N MET F 51 -8.97 23.06 -41.77
CA MET F 51 -10.27 23.69 -41.94
C MET F 51 -10.24 25.12 -41.38
N ASP F 52 -10.21 25.24 -40.06
CA ASP F 52 -10.73 26.42 -39.37
C ASP F 52 -12.23 26.53 -39.64
N THR F 53 -12.94 25.49 -39.20
CA THR F 53 -14.34 25.24 -39.53
C THR F 53 -15.17 26.52 -39.56
N TYR F 54 -15.04 27.38 -38.55
CA TYR F 54 -15.65 28.70 -38.60
C TYR F 54 -15.47 29.31 -39.99
N ASP F 55 -16.57 29.77 -40.57
CA ASP F 55 -16.61 30.06 -41.99
C ASP F 55 -16.43 31.56 -42.25
N PRO F 56 -15.28 32.00 -42.77
CA PRO F 56 -15.18 33.38 -43.27
C PRO F 56 -15.46 33.51 -44.76
N ASN F 57 -15.63 32.40 -45.48
CA ASN F 57 -15.90 32.43 -46.92
C ASN F 57 -17.39 32.69 -47.17
N GLN F 58 -17.83 33.87 -46.73
CA GLN F 58 -19.22 34.26 -46.87
C GLN F 58 -19.31 35.78 -46.81
N LEU F 59 -20.41 36.30 -47.34
CA LEU F 59 -20.64 37.74 -47.38
C LEU F 59 -20.72 38.30 -45.96
#